data_6GKH
#
_entry.id   6GKH
#
_cell.length_a   1
_cell.length_b   1
_cell.length_c   1
_cell.angle_alpha   90
_cell.angle_beta   90
_cell.angle_gamma   90
#
_symmetry.space_group_name_H-M   'P 1'
#
loop_
_entity.id
_entity.type
_entity.pdbx_description
1 polymer 'Interferon-induced helicase C domain-containing protein 1'
2 polymer "RNA (5'-R(P*GP*UP*CP*AP*AP*GP*CP*CP*GP*AP*GP*GP*AP*GP*A)-3')"
3 polymer "RNA (5'-R(P*UP*CP*UP*CP*CP*UP*CP*GP*GP*CP*UP*UP*GP*AP*C)-3')"
4 non-polymer "ADENOSINE-5'-DIPHOSPHATE"
5 non-polymer 'TETRAFLUOROALUMINATE ION'
6 non-polymer 'MAGNESIUM ION'
7 non-polymer 'ZINC ION'
#
loop_
_entity_poly.entity_id
_entity_poly.type
_entity_poly.pdbx_seq_one_letter_code
_entity_poly.pdbx_strand_id
1 'polypeptide(L)'
;MSIVCSAEDSFRNLILFFRPRLKMYIQVEPVLDHLIFLSAETKEQILKKINTCGNTSAAELLLSTLEQGQWPLGWTQMFV
EALEHSGNPLAARYVKPTLTDLPSPSSETAHDECLHLLTLLQPTLVDKLLINDVLDTCFEKGLLTVEDRNRISAAGNSGN
ESGVRELLRRIVQKENWFSTFLDVLRQTGNDALFQELTGGGCPEDNTDLANSSHRDGPAANECLLPAVDESSLETEAWNV
DDILPEASCTDSSVTTESDTSLAEGSVSCFDESLGHNSNMGRDSGTMGSDSDESVIQTKRVSPEPELQLRPYQMEVAQPA
LDGKNIIICLPTGSGKTRVAVYITKDHLDKKKQASESGKVIVLVNKVMLAEQLFRKEFNPYLKKWYRIIGLSGDTQLKIS
FPEVVKSYDVIISTAQILENSLLNLESGDDDGVQLSDFSLIIIDECHHTNKEAVYNNIMRRYLKQKLRNNDLKKQNKPAI
PLPQILGLTASPGVGAAKKQSEAEKHILNICANLDAFTIKTVKENLGQLKHQIKEPCKKFVIADDTRENPFKEKLLEIMA
SIQTYCQKSPMSDFGTQHYEQWAIQMEKKAAKDGNRKDRVCAEHLRKYNEALQINDTIRMIDAYSHLETFYTDEKEKKFA
VLNDSKKSLKLDETDEFLMNLFFDNKKMLKKLAENPKYENEKLIKLRNTILEQFTRSEESSRGIIFTKTRQSTYALSQWI
MENAKFAEVGVKAHHLIGAGHSSEVKPMTQTEQKEVISKFRTGEINLLIATTVAEEGLDIKECNIVIRYGLVTNEIAMVQ
ARGRARADESTYVLVTSSGSGVTEREIVNDFREKMMYKAINRVQNMKPEEYAHKILELQVQSILEKKMKVKRSIAKQYND
NPSLITLLCKNCSMLVCSGENIHVIEKMHHVNMTPEFKGLYIVRENKALQKKFADYQTNGEIICKCGQAWGTMMVHKGLD
LPCLKIRNFVVNFKNNSPKKQYKKWVELPIRFPDLDYSEYCLYSDED
;
A
2 'polyribonucleotide' GUCAAGCCGAGGAGA X
3 'polyribonucleotide' UCUCCUCGGCUUGAC Y
#
loop_
_chem_comp.id
_chem_comp.type
_chem_comp.name
_chem_comp.formula
A RNA linking ADENOSINE-5'-MONOPHOSPHATE 'C10 H14 N5 O7 P'
ADP non-polymer ADENOSINE-5'-DIPHOSPHATE 'C10 H15 N5 O10 P2'
ALF non-polymer 'TETRAFLUOROALUMINATE ION' 'Al F4 -1'
C RNA linking CYTIDINE-5'-MONOPHOSPHATE 'C9 H14 N3 O8 P'
G RNA linking GUANOSINE-5'-MONOPHOSPHATE 'C10 H14 N5 O8 P'
MG non-polymer 'MAGNESIUM ION' 'Mg 2'
U RNA linking URIDINE-5'-MONOPHOSPHATE 'C9 H13 N2 O9 P'
ZN non-polymer 'ZINC ION' 'Zn 2'
#
# COMPACT_ATOMS: atom_id res chain seq x y z
N GLU A 306 -21.81 -15.04 27.40
CA GLU A 306 -22.55 -14.81 26.17
C GLU A 306 -21.80 -15.32 24.95
N LEU A 307 -20.48 -15.14 24.96
CA LEU A 307 -19.66 -15.57 23.84
C LEU A 307 -19.68 -17.09 23.74
N GLN A 308 -20.02 -17.60 22.56
CA GLN A 308 -20.12 -19.01 22.30
C GLN A 308 -18.96 -19.47 21.43
N LEU A 309 -18.64 -20.75 21.53
CA LEU A 309 -17.51 -21.37 20.86
C LEU A 309 -17.99 -22.46 19.92
N ARG A 310 -17.08 -22.90 19.05
CA ARG A 310 -17.23 -24.08 18.23
C ARG A 310 -16.23 -25.14 18.65
N PRO A 311 -16.42 -26.41 18.21
CA PRO A 311 -15.49 -27.47 18.65
C PRO A 311 -14.08 -27.31 18.12
N TYR A 312 -13.96 -27.10 16.81
CA TYR A 312 -12.64 -27.00 16.21
C TYR A 312 -11.88 -25.80 16.77
N GLN A 313 -12.61 -24.73 17.09
CA GLN A 313 -12.03 -23.62 17.83
C GLN A 313 -11.41 -24.09 19.13
N MET A 314 -12.10 -24.97 19.85
CA MET A 314 -11.58 -25.43 21.13
C MET A 314 -10.28 -26.20 20.92
N GLU A 315 -10.27 -27.14 19.99
CA GLU A 315 -9.08 -27.96 19.84
C GLU A 315 -7.90 -27.14 19.32
N VAL A 316 -8.15 -26.20 18.42
CA VAL A 316 -7.03 -25.39 17.93
C VAL A 316 -6.52 -24.46 19.00
N ALA A 317 -7.40 -23.97 19.87
CA ALA A 317 -6.96 -23.07 20.92
C ALA A 317 -6.20 -23.79 22.02
N GLN A 318 -6.56 -25.06 22.28
CA GLN A 318 -6.18 -25.79 23.48
C GLN A 318 -4.75 -25.59 23.98
N PRO A 319 -3.70 -25.73 23.16
CA PRO A 319 -2.34 -25.58 23.72
C PRO A 319 -2.04 -24.18 24.18
N ALA A 320 -2.55 -23.16 23.49
CA ALA A 320 -2.26 -21.77 23.86
C ALA A 320 -2.77 -21.42 25.25
N LEU A 321 -3.76 -22.15 25.75
CA LEU A 321 -4.38 -21.82 27.02
C LEU A 321 -3.45 -22.02 28.21
N ASP A 322 -2.28 -22.64 28.02
CA ASP A 322 -1.26 -22.75 29.07
C ASP A 322 0.10 -22.51 28.39
N GLY A 323 0.52 -21.25 28.38
CA GLY A 323 1.71 -20.88 27.65
C GLY A 323 1.54 -21.18 26.17
N LYS A 324 2.59 -21.75 25.58
CA LYS A 324 2.57 -22.19 24.18
C LYS A 324 2.26 -21.02 23.26
N ASN A 325 3.22 -20.11 23.17
CA ASN A 325 3.19 -19.08 22.14
C ASN A 325 3.22 -19.69 20.75
N ILE A 326 2.13 -19.58 19.99
CA ILE A 326 1.94 -20.40 18.79
C ILE A 326 1.39 -19.56 17.65
N ILE A 327 1.17 -20.23 16.52
CA ILE A 327 0.56 -19.70 15.31
C ILE A 327 -0.65 -20.55 14.98
N ILE A 328 -1.65 -19.92 14.36
CA ILE A 328 -2.85 -20.58 13.89
C ILE A 328 -3.08 -20.16 12.45
N CYS A 329 -3.52 -21.11 11.62
CA CYS A 329 -3.96 -20.81 10.26
C CYS A 329 -5.16 -21.70 9.94
N LEU A 330 -6.31 -21.08 9.80
CA LEU A 330 -7.53 -21.72 9.33
C LEU A 330 -8.09 -20.89 8.19
N PRO A 331 -8.97 -21.47 7.37
CA PRO A 331 -9.55 -20.67 6.28
C PRO A 331 -10.33 -19.48 6.81
N THR A 332 -10.63 -18.57 5.90
CA THR A 332 -11.25 -17.31 6.27
C THR A 332 -12.64 -17.52 6.84
N GLY A 333 -12.98 -16.72 7.84
CA GLY A 333 -14.29 -16.78 8.44
C GLY A 333 -14.53 -18.11 9.11
N SER A 334 -13.72 -18.41 10.12
CA SER A 334 -13.90 -19.60 10.94
C SER A 334 -13.86 -19.26 12.43
N GLY A 335 -14.12 -18.01 12.78
CA GLY A 335 -14.11 -17.60 14.17
C GLY A 335 -12.75 -17.33 14.72
N LYS A 336 -11.81 -16.93 13.86
CA LYS A 336 -10.47 -16.58 14.30
C LYS A 336 -10.53 -15.47 15.34
N THR A 337 -11.30 -14.43 15.06
CA THR A 337 -11.52 -13.40 16.04
C THR A 337 -12.12 -13.99 17.30
N ARG A 338 -13.16 -14.80 17.15
CA ARG A 338 -13.87 -15.32 18.31
C ARG A 338 -12.97 -16.18 19.19
N VAL A 339 -12.15 -17.04 18.58
CA VAL A 339 -11.23 -17.85 19.36
C VAL A 339 -10.19 -16.96 20.03
N ALA A 340 -9.76 -15.91 19.34
CA ALA A 340 -8.85 -14.96 19.96
C ALA A 340 -9.48 -14.32 21.19
N VAL A 341 -10.75 -13.94 21.09
CA VAL A 341 -11.46 -13.30 22.19
C VAL A 341 -11.55 -14.25 23.37
N TYR A 342 -11.88 -15.51 23.10
CA TYR A 342 -11.92 -16.50 24.18
C TYR A 342 -10.57 -16.64 24.84
N ILE A 343 -9.50 -16.60 24.05
CA ILE A 343 -8.16 -16.71 24.61
C ILE A 343 -7.85 -15.50 25.46
N THR A 344 -8.33 -14.33 25.06
CA THR A 344 -8.17 -13.13 25.89
C THR A 344 -8.81 -13.35 27.25
N LYS A 345 -10.10 -13.71 27.25
CA LYS A 345 -10.81 -13.86 28.51
C LYS A 345 -10.14 -14.90 29.39
N ASP A 346 -9.76 -16.03 28.81
CA ASP A 346 -9.09 -17.07 29.58
C ASP A 346 -7.77 -16.58 30.14
N HIS A 347 -6.98 -15.88 29.31
CA HIS A 347 -5.68 -15.38 29.73
C HIS A 347 -5.82 -14.46 30.93
N LEU A 348 -6.72 -13.49 30.84
CA LEU A 348 -6.80 -12.50 31.92
C LEU A 348 -7.41 -13.09 33.17
N ASP A 349 -8.41 -13.97 33.02
CA ASP A 349 -8.96 -14.65 34.19
C ASP A 349 -7.89 -15.50 34.87
N LYS A 350 -7.03 -16.13 34.07
CA LYS A 350 -5.93 -16.89 34.61
C LYS A 350 -4.99 -16.00 35.40
N LYS A 351 -4.62 -14.85 34.83
CA LYS A 351 -3.67 -13.98 35.50
C LYS A 351 -4.26 -13.35 36.76
N LYS A 352 -5.58 -13.20 36.82
CA LYS A 352 -6.20 -12.64 38.02
C LYS A 352 -6.39 -13.69 39.11
N GLN A 353 -6.85 -14.89 38.75
CA GLN A 353 -6.98 -15.94 39.75
C GLN A 353 -5.63 -16.32 40.35
N ALA A 354 -4.53 -16.06 39.65
CA ALA A 354 -3.20 -16.15 40.22
C ALA A 354 -2.79 -14.89 40.98
N SER A 355 -3.67 -13.89 41.08
CA SER A 355 -3.37 -12.62 41.72
C SER A 355 -2.15 -11.93 41.11
N GLU A 356 -1.96 -12.11 39.80
CA GLU A 356 -0.84 -11.53 39.07
C GLU A 356 -1.33 -10.44 38.13
N SER A 357 -0.39 -9.67 37.63
CA SER A 357 -0.67 -8.64 36.65
C SER A 357 -0.71 -9.22 35.24
N GLY A 358 -1.47 -8.57 34.36
CA GLY A 358 -1.58 -9.05 33.00
C GLY A 358 -2.38 -8.13 32.09
N LYS A 359 -1.86 -7.89 30.89
CA LYS A 359 -2.48 -6.99 29.92
C LYS A 359 -2.27 -7.57 28.53
N VAL A 360 -3.03 -7.06 27.56
CA VAL A 360 -3.07 -7.63 26.22
C VAL A 360 -3.04 -6.54 25.18
N ILE A 361 -2.29 -6.79 24.11
CA ILE A 361 -2.22 -5.88 22.98
C ILE A 361 -2.46 -6.67 21.71
N VAL A 362 -3.42 -6.20 20.92
CA VAL A 362 -3.74 -6.76 19.61
C VAL A 362 -3.15 -5.86 18.55
N LEU A 363 -2.56 -6.49 17.54
CA LEU A 363 -1.91 -5.79 16.45
C LEU A 363 -2.58 -6.16 15.14
N VAL A 364 -2.87 -5.15 14.35
CA VAL A 364 -3.30 -5.30 12.97
C VAL A 364 -2.30 -4.54 12.12
N ASN A 365 -2.54 -4.52 10.81
CA ASN A 365 -1.68 -3.81 9.87
C ASN A 365 -2.43 -2.73 9.13
N LYS A 366 -3.61 -2.34 9.62
CA LYS A 366 -4.47 -1.40 8.92
C LYS A 366 -5.05 -0.45 9.94
N VAL A 367 -6.00 0.34 9.47
CA VAL A 367 -6.58 1.43 10.24
C VAL A 367 -8.06 1.20 10.53
N MET A 368 -8.76 0.47 9.66
CA MET A 368 -10.15 0.14 9.93
C MET A 368 -10.28 -0.89 11.04
N LEU A 369 -9.37 -1.86 11.07
CA LEU A 369 -9.57 -3.04 11.89
C LEU A 369 -9.57 -2.69 13.38
N ALA A 370 -8.88 -1.62 13.75
CA ALA A 370 -8.93 -1.13 15.11
C ALA A 370 -10.37 -0.94 15.56
N GLU A 371 -11.13 -0.12 14.84
CA GLU A 371 -12.52 0.10 15.23
C GLU A 371 -13.42 -1.05 14.82
N GLN A 372 -13.05 -1.81 13.78
CA GLN A 372 -13.78 -3.03 13.43
C GLN A 372 -13.93 -3.92 14.65
N LEU A 373 -12.81 -4.19 15.31
CA LEU A 373 -12.79 -5.13 16.42
C LEU A 373 -12.98 -4.45 17.76
N PHE A 374 -12.92 -3.11 17.82
CA PHE A 374 -13.42 -2.41 19.00
C PHE A 374 -14.93 -2.28 18.99
N ARG A 375 -15.57 -2.46 17.85
CA ARG A 375 -17.03 -2.39 17.76
C ARG A 375 -17.70 -3.75 17.94
N LYS A 376 -17.20 -4.78 17.27
CA LYS A 376 -18.02 -5.94 16.95
C LYS A 376 -17.71 -7.19 17.75
N GLU A 377 -16.45 -7.42 18.14
CA GLU A 377 -16.05 -8.73 18.66
C GLU A 377 -15.47 -8.67 20.06
N PHE A 378 -14.53 -7.77 20.33
CA PHE A 378 -13.99 -7.68 21.68
C PHE A 378 -14.94 -6.94 22.60
N ASN A 379 -15.29 -5.71 22.24
CA ASN A 379 -16.07 -4.86 23.14
C ASN A 379 -17.45 -5.41 23.47
N PRO A 380 -18.23 -5.96 22.54
CA PRO A 380 -19.57 -6.44 22.91
C PRO A 380 -19.57 -7.57 23.92
N TYR A 381 -18.47 -8.32 24.04
CA TYR A 381 -18.40 -9.46 24.94
C TYR A 381 -17.65 -9.15 26.22
N LEU A 382 -16.61 -8.32 26.17
CA LEU A 382 -15.67 -8.14 27.26
C LEU A 382 -15.83 -6.81 27.99
N LYS A 383 -16.85 -6.02 27.65
CA LYS A 383 -17.03 -4.73 28.28
C LYS A 383 -17.25 -4.85 29.78
N LYS A 384 -17.90 -5.94 30.21
CA LYS A 384 -18.27 -6.06 31.62
C LYS A 384 -17.04 -6.26 32.49
N TRP A 385 -16.21 -7.24 32.16
CA TRP A 385 -15.12 -7.63 33.03
C TRP A 385 -13.89 -6.75 32.90
N TYR A 386 -13.70 -6.07 31.77
CA TYR A 386 -12.51 -5.26 31.57
C TYR A 386 -12.85 -4.01 30.76
N ARG A 387 -11.92 -3.05 30.84
CA ARG A 387 -11.94 -1.89 29.96
C ARG A 387 -11.24 -2.26 28.66
N ILE A 388 -11.62 -1.57 27.60
CA ILE A 388 -11.14 -1.87 26.26
C ILE A 388 -10.91 -0.53 25.56
N ILE A 389 -9.95 -0.51 24.64
CA ILE A 389 -9.74 0.69 23.85
C ILE A 389 -9.12 0.33 22.52
N GLY A 390 -9.54 1.06 21.50
CA GLY A 390 -9.09 0.86 20.14
C GLY A 390 -8.40 2.11 19.63
N LEU A 391 -7.23 1.93 19.02
CA LEU A 391 -6.36 3.00 18.59
C LEU A 391 -6.06 2.82 17.11
N SER A 392 -5.87 3.93 16.41
CA SER A 392 -5.60 3.88 14.99
C SER A 392 -4.85 5.15 14.61
N GLY A 393 -4.78 5.43 13.30
CA GLY A 393 -4.09 6.61 12.85
C GLY A 393 -5.04 7.78 12.67
N ASP A 394 -6.26 7.64 13.18
CA ASP A 394 -7.26 8.67 13.04
C ASP A 394 -8.02 8.98 14.32
N THR A 395 -7.83 8.22 15.38
CA THR A 395 -8.49 8.48 16.65
C THR A 395 -7.68 9.53 17.39
N GLN A 396 -8.21 10.75 17.47
CA GLN A 396 -7.51 11.80 18.21
C GLN A 396 -7.46 11.40 19.67
N LEU A 397 -6.29 10.96 20.13
CA LEU A 397 -6.15 10.55 21.52
C LEU A 397 -6.15 11.79 22.39
N LYS A 398 -5.97 11.58 23.69
CA LYS A 398 -5.81 12.69 24.62
C LYS A 398 -4.63 12.55 25.55
N ILE A 399 -4.16 11.33 25.83
CA ILE A 399 -3.21 11.14 26.91
C ILE A 399 -1.79 10.99 26.37
N SER A 400 -1.47 9.82 25.83
CA SER A 400 -0.42 9.19 25.03
C SER A 400 -0.67 7.69 24.91
N PHE A 401 0.17 6.99 24.16
CA PHE A 401 0.11 5.54 24.09
C PHE A 401 0.65 4.87 25.37
N PRO A 402 1.83 5.25 25.88
CA PRO A 402 2.36 4.53 27.05
C PRO A 402 1.47 4.57 28.27
N GLU A 403 0.77 5.68 28.49
CA GLU A 403 -0.12 5.75 29.64
C GLU A 403 -1.28 4.78 29.47
N VAL A 404 -1.86 4.73 28.28
CA VAL A 404 -2.97 3.81 28.06
C VAL A 404 -2.49 2.37 28.02
N VAL A 405 -1.17 2.13 27.96
CA VAL A 405 -0.70 0.77 28.17
C VAL A 405 -1.08 0.28 29.56
N LYS A 406 -1.12 1.18 30.55
CA LYS A 406 -1.42 0.82 31.93
C LYS A 406 -2.72 1.44 32.43
N SER A 407 -3.67 1.69 31.54
CA SER A 407 -5.00 2.19 31.93
C SER A 407 -6.13 1.28 31.49
N TYR A 408 -6.23 0.98 30.19
CA TYR A 408 -7.43 0.36 29.65
C TYR A 408 -7.39 -1.17 29.66
N ASP A 409 -6.21 -1.76 29.74
CA ASP A 409 -5.96 -3.18 30.01
C ASP A 409 -6.26 -4.11 28.83
N VAL A 410 -6.98 -3.66 27.80
CA VAL A 410 -7.16 -4.44 26.58
C VAL A 410 -7.05 -3.54 25.37
N ILE A 411 -5.92 -3.53 24.69
CA ILE A 411 -5.73 -2.51 23.69
C ILE A 411 -5.84 -3.17 22.34
N ILE A 412 -6.05 -2.32 21.32
CA ILE A 412 -6.02 -2.72 19.92
C ILE A 412 -5.33 -1.58 19.21
N SER A 413 -4.46 -1.91 18.28
CA SER A 413 -3.57 -0.92 17.71
C SER A 413 -3.21 -1.31 16.30
N THR A 414 -3.26 -0.31 15.43
CA THR A 414 -2.38 -0.30 14.29
C THR A 414 -0.95 -0.54 14.77
N ALA A 415 -0.15 -1.16 13.90
CA ALA A 415 1.14 -1.69 14.32
C ALA A 415 2.12 -0.58 14.71
N GLN A 416 2.39 0.34 13.80
CA GLN A 416 3.55 1.21 13.93
C GLN A 416 3.49 2.12 15.15
N ILE A 417 2.31 2.33 15.72
CA ILE A 417 2.20 3.05 16.99
C ILE A 417 3.12 2.43 18.02
N LEU A 418 3.05 1.10 18.11
CA LEU A 418 3.86 0.35 19.06
C LEU A 418 5.34 0.62 18.83
N GLU A 419 5.85 0.28 17.64
CA GLU A 419 7.27 0.40 17.35
C GLU A 419 7.77 1.82 17.54
N ASN A 420 6.93 2.80 17.20
CA ASN A 420 7.26 4.19 17.49
C ASN A 420 7.53 4.37 18.98
N SER A 421 6.61 3.91 19.82
CA SER A 421 6.79 4.10 21.25
C SER A 421 8.00 3.33 21.78
N LEU A 422 8.27 2.15 21.22
CA LEU A 422 9.43 1.38 21.66
C LEU A 422 10.72 2.14 21.35
N LEU A 423 10.90 2.57 20.11
CA LEU A 423 12.12 3.29 19.78
C LEU A 423 12.18 4.66 20.42
N ASN A 424 11.04 5.19 20.87
CA ASN A 424 11.09 6.41 21.68
C ASN A 424 11.63 6.10 23.08
N LEU A 425 11.20 4.98 23.67
CA LEU A 425 11.77 4.57 24.94
C LEU A 425 13.27 4.28 24.80
N GLU A 426 13.67 3.76 23.66
CA GLU A 426 15.08 3.39 23.47
C GLU A 426 15.95 4.56 23.05
N SER A 427 15.38 5.56 22.39
CA SER A 427 16.15 6.71 21.93
C SER A 427 16.26 7.78 23.00
N GLY A 428 15.14 8.39 23.37
CA GLY A 428 15.15 9.49 24.32
C GLY A 428 14.39 9.19 25.59
N ASP A 429 13.84 10.22 26.22
CA ASP A 429 13.07 10.08 27.45
C ASP A 429 11.58 10.28 27.21
N ASP A 430 11.16 10.44 25.95
CA ASP A 430 9.74 10.41 25.61
C ASP A 430 9.23 9.05 26.01
N ASP A 431 8.26 9.04 26.94
CA ASP A 431 7.99 7.96 27.90
C ASP A 431 8.20 6.56 27.35
N GLY A 432 7.57 6.23 26.22
CA GLY A 432 7.83 4.96 25.58
C GLY A 432 7.35 3.80 26.41
N VAL A 433 7.69 2.59 25.95
CA VAL A 433 7.16 1.37 26.52
C VAL A 433 8.10 0.21 26.20
N GLN A 434 8.05 -0.83 27.01
CA GLN A 434 8.80 -2.07 26.81
C GLN A 434 7.84 -3.22 26.64
N LEU A 435 8.39 -4.36 26.23
CA LEU A 435 7.61 -5.57 26.09
C LEU A 435 7.28 -6.22 27.43
N SER A 436 8.08 -5.95 28.46
CA SER A 436 7.78 -6.43 29.79
C SER A 436 6.58 -5.71 30.43
N ASP A 437 6.03 -4.70 29.75
CA ASP A 437 4.79 -4.06 30.17
C ASP A 437 3.56 -4.77 29.60
N PHE A 438 3.66 -6.05 29.27
CA PHE A 438 2.58 -6.81 28.67
C PHE A 438 2.57 -8.21 29.26
N SER A 439 1.48 -8.93 28.96
CA SER A 439 1.39 -10.35 29.23
C SER A 439 0.92 -11.16 28.03
N LEU A 440 0.51 -10.52 26.94
CA LEU A 440 0.16 -11.25 25.74
C LEU A 440 0.07 -10.31 24.55
N ILE A 441 0.68 -10.73 23.44
CA ILE A 441 0.53 -10.11 22.15
C ILE A 441 -0.30 -11.04 21.29
N ILE A 442 -1.25 -10.47 20.55
CA ILE A 442 -2.08 -11.21 19.61
C ILE A 442 -1.97 -10.52 18.27
N ILE A 443 -1.84 -11.32 17.20
CA ILE A 443 -1.54 -10.82 15.88
C ILE A 443 -2.57 -11.34 14.90
N ASP A 444 -2.97 -10.47 13.98
CA ASP A 444 -3.78 -10.80 12.84
C ASP A 444 -2.94 -10.65 11.58
N GLU A 445 -3.09 -11.59 10.65
CA GLU A 445 -2.35 -11.59 9.38
C GLU A 445 -0.84 -11.63 9.65
N CYS A 446 -0.43 -12.76 10.22
CA CYS A 446 0.97 -12.97 10.58
C CYS A 446 1.89 -12.88 9.38
N HIS A 447 1.43 -13.39 8.24
CA HIS A 447 2.27 -13.67 7.09
C HIS A 447 3.02 -12.47 6.56
N HIS A 448 2.68 -11.24 6.98
CA HIS A 448 3.52 -10.10 6.68
C HIS A 448 4.85 -10.13 7.42
N THR A 449 5.00 -11.03 8.40
CA THR A 449 6.25 -11.17 9.10
C THR A 449 7.30 -11.75 8.16
N ASN A 450 8.05 -10.87 7.50
CA ASN A 450 9.06 -11.25 6.53
C ASN A 450 10.18 -10.22 6.62
N LYS A 451 11.01 -10.17 5.58
CA LYS A 451 12.07 -9.18 5.49
C LYS A 451 11.54 -7.77 5.68
N GLU A 452 12.04 -7.11 6.72
CA GLU A 452 11.96 -5.73 7.21
C GLU A 452 10.54 -5.17 7.20
N ALA A 453 9.55 -6.02 7.44
CA ALA A 453 8.20 -5.56 7.59
C ALA A 453 8.02 -4.93 8.98
N VAL A 454 6.78 -4.55 9.29
CA VAL A 454 6.51 -3.85 10.53
C VAL A 454 6.64 -4.79 11.72
N TYR A 455 5.84 -5.87 11.70
CA TYR A 455 5.86 -6.86 12.78
C TYR A 455 7.25 -7.41 13.04
N ASN A 456 8.08 -7.48 12.00
CA ASN A 456 9.36 -8.16 12.12
C ASN A 456 10.29 -7.43 13.07
N ASN A 457 10.24 -6.10 13.10
CA ASN A 457 11.09 -5.37 14.04
C ASN A 457 10.74 -5.72 15.48
N ILE A 458 9.44 -5.74 15.79
CA ILE A 458 8.98 -6.11 17.12
C ILE A 458 9.49 -7.50 17.46
N MET A 459 9.36 -8.43 16.53
CA MET A 459 9.77 -9.80 16.83
C MET A 459 11.28 -9.95 16.87
N ARG A 460 12.01 -9.11 16.15
CA ARG A 460 13.47 -9.11 16.28
C ARG A 460 13.86 -8.73 17.70
N ARG A 461 13.22 -7.69 18.24
CA ARG A 461 13.54 -7.30 19.60
C ARG A 461 13.14 -8.39 20.59
N TYR A 462 11.99 -9.02 20.33
CA TYR A 462 11.54 -10.11 21.19
C TYR A 462 12.53 -11.26 21.17
N LEU A 463 13.01 -11.63 19.98
CA LEU A 463 13.94 -12.75 19.86
C LEU A 463 15.30 -12.40 20.49
N LYS A 464 15.71 -11.13 20.38
CA LYS A 464 16.94 -10.70 21.02
C LYS A 464 16.84 -10.89 22.52
N GLN A 465 15.73 -10.46 23.11
CA GLN A 465 15.57 -10.65 24.54
C GLN A 465 15.43 -12.11 24.89
N LYS A 466 14.85 -12.92 24.00
CA LYS A 466 14.75 -14.35 24.25
C LYS A 466 16.13 -14.98 24.34
N LEU A 467 17.00 -14.62 23.40
CA LEU A 467 18.36 -15.15 23.45
C LEU A 467 19.10 -14.64 24.67
N ARG A 468 18.81 -13.42 25.11
CA ARG A 468 19.40 -12.96 26.36
C ARG A 468 18.91 -13.79 27.54
N ASN A 469 17.61 -14.12 27.56
CA ASN A 469 17.07 -14.99 28.60
C ASN A 469 17.74 -16.36 28.58
N ASN A 470 17.95 -16.90 27.38
CA ASN A 470 18.53 -18.23 27.27
C ASN A 470 20.01 -18.21 27.65
N ASP A 471 20.71 -17.12 27.36
CA ASP A 471 22.08 -16.97 27.81
C ASP A 471 22.15 -16.87 29.32
N LEU A 472 21.18 -16.21 29.92
CA LEU A 472 21.09 -16.19 31.38
C LEU A 472 20.58 -17.51 31.94
N LYS A 473 20.03 -18.39 31.11
CA LYS A 473 19.61 -19.70 31.58
C LYS A 473 20.79 -20.49 32.14
N LYS A 474 21.95 -20.36 31.50
CA LYS A 474 23.16 -21.10 31.87
C LYS A 474 24.17 -20.22 32.58
N GLN A 475 23.83 -18.97 32.88
CA GLN A 475 24.75 -18.07 33.59
C GLN A 475 24.23 -17.66 34.94
N ASN A 476 22.98 -17.20 35.03
CA ASN A 476 22.41 -16.75 36.28
C ASN A 476 21.07 -17.45 36.51
N LYS A 477 20.50 -17.20 37.69
CA LYS A 477 19.10 -17.51 37.96
C LYS A 477 18.13 -16.43 37.47
N PRO A 478 18.36 -15.15 37.77
CA PRO A 478 17.34 -14.14 37.42
C PRO A 478 17.20 -13.96 35.91
N ALA A 479 15.96 -14.02 35.44
CA ALA A 479 15.63 -13.77 34.04
C ALA A 479 14.29 -13.07 33.99
N ILE A 480 13.99 -12.50 32.82
CA ILE A 480 12.73 -11.77 32.61
C ILE A 480 11.69 -12.74 32.05
N PRO A 481 10.44 -12.77 32.57
CA PRO A 481 9.39 -13.53 31.91
C PRO A 481 8.85 -12.76 30.70
N LEU A 482 9.08 -13.30 29.51
CA LEU A 482 8.61 -12.65 28.30
C LEU A 482 7.09 -12.79 28.19
N PRO A 483 6.46 -11.97 27.36
CA PRO A 483 5.03 -12.17 27.11
C PRO A 483 4.78 -13.26 26.10
N GLN A 484 3.62 -13.89 26.23
CA GLN A 484 3.19 -14.89 25.28
C GLN A 484 2.80 -14.21 23.97
N ILE A 485 2.87 -14.99 22.89
CA ILE A 485 2.59 -14.52 21.54
C ILE A 485 1.66 -15.50 20.87
N LEU A 486 0.56 -15.00 20.34
CA LEU A 486 -0.38 -15.79 19.56
C LEU A 486 -0.55 -15.13 18.21
N GLY A 487 -0.18 -15.86 17.16
CA GLY A 487 -0.32 -15.39 15.81
C GLY A 487 -1.50 -16.05 15.12
N LEU A 488 -2.24 -15.28 14.34
CA LEU A 488 -3.37 -15.76 13.59
C LEU A 488 -3.19 -15.38 12.13
N THR A 489 -3.55 -16.29 11.23
CA THR A 489 -3.58 -15.98 9.81
C THR A 489 -4.54 -16.94 9.13
N ALA A 490 -4.54 -16.91 7.79
CA ALA A 490 -5.25 -17.85 6.94
C ALA A 490 -4.30 -18.63 6.07
N SER A 491 -3.27 -17.97 5.60
CA SER A 491 -2.19 -18.59 4.87
C SER A 491 -0.89 -17.97 5.36
N PRO A 492 0.02 -18.71 6.00
CA PRO A 492 1.35 -18.15 6.23
C PRO A 492 2.07 -17.83 4.95
N GLY A 493 1.69 -18.49 3.86
CA GLY A 493 2.10 -18.09 2.54
C GLY A 493 3.55 -18.40 2.27
N VAL A 494 3.84 -18.64 0.99
CA VAL A 494 5.17 -18.97 0.54
C VAL A 494 5.79 -17.74 -0.11
N GLY A 495 7.02 -17.43 0.28
CA GLY A 495 7.71 -16.25 -0.20
C GLY A 495 8.58 -16.50 -1.40
N ALA A 496 7.95 -16.71 -2.55
CA ALA A 496 8.66 -16.81 -3.83
C ALA A 496 9.61 -18.02 -3.83
N ALA A 497 9.01 -19.19 -3.69
CA ALA A 497 9.71 -20.46 -3.79
C ALA A 497 8.98 -21.36 -4.77
N LYS A 498 9.72 -21.85 -5.76
CA LYS A 498 9.81 -22.73 -6.92
C LYS A 498 9.76 -24.20 -6.55
N LYS A 499 9.72 -24.52 -5.25
CA LYS A 499 9.77 -25.90 -4.79
C LYS A 499 8.94 -26.01 -3.52
N GLN A 500 8.79 -27.25 -3.05
CA GLN A 500 8.17 -27.50 -1.77
C GLN A 500 9.13 -27.27 -0.61
N SER A 501 10.42 -27.54 -0.83
CA SER A 501 11.40 -27.48 0.25
C SER A 501 11.71 -26.04 0.63
N GLU A 502 11.93 -25.18 -0.35
CA GLU A 502 12.11 -23.76 -0.07
C GLU A 502 10.87 -23.19 0.62
N ALA A 503 9.70 -23.69 0.26
CA ALA A 503 8.48 -23.22 0.90
C ALA A 503 8.44 -23.65 2.37
N GLU A 504 8.86 -24.88 2.65
CA GLU A 504 9.01 -25.32 4.04
C GLU A 504 9.94 -24.38 4.79
N LYS A 505 11.08 -24.07 4.18
CA LYS A 505 12.03 -23.14 4.78
C LYS A 505 11.37 -21.81 5.09
N HIS A 506 10.48 -21.36 4.20
CA HIS A 506 9.79 -20.09 4.43
C HIS A 506 8.84 -20.18 5.61
N ILE A 507 8.11 -21.29 5.71
CA ILE A 507 7.23 -21.49 6.86
C ILE A 507 8.04 -21.45 8.14
N LEU A 508 9.21 -22.09 8.13
CA LEU A 508 10.02 -22.11 9.33
C LEU A 508 10.56 -20.71 9.63
N ASN A 509 10.84 -19.92 8.61
CA ASN A 509 11.25 -18.54 8.83
C ASN A 509 10.16 -17.75 9.54
N ILE A 510 8.92 -17.92 9.09
CA ILE A 510 7.80 -17.29 9.79
C ILE A 510 7.77 -17.75 11.24
N CYS A 511 7.76 -19.07 11.43
CA CYS A 511 7.52 -19.63 12.75
C CYS A 511 8.61 -19.25 13.73
N ALA A 512 9.83 -19.05 13.24
CA ALA A 512 10.91 -18.59 14.10
C ALA A 512 10.87 -17.09 14.28
N ASN A 513 10.27 -16.36 13.33
CA ASN A 513 10.04 -14.94 13.52
C ASN A 513 8.85 -14.66 14.42
N LEU A 514 8.19 -15.69 14.96
CA LEU A 514 7.12 -15.52 15.92
C LEU A 514 7.26 -16.40 17.16
N ASP A 515 8.33 -17.16 17.29
CA ASP A 515 8.59 -17.97 18.48
C ASP A 515 7.48 -19.01 18.66
N ALA A 516 7.28 -19.80 17.62
CA ALA A 516 6.16 -20.72 17.56
C ALA A 516 6.51 -22.08 18.15
N PHE A 517 5.48 -22.90 18.32
CA PHE A 517 5.63 -24.29 18.72
C PHE A 517 4.76 -25.22 17.88
N THR A 518 3.67 -24.71 17.32
CA THR A 518 2.79 -25.51 16.46
C THR A 518 2.20 -24.62 15.37
N ILE A 519 1.34 -25.22 14.56
CA ILE A 519 0.46 -24.50 13.65
C ILE A 519 -1.01 -24.82 13.92
N LYS A 520 -1.33 -26.09 14.12
CA LYS A 520 -2.65 -26.55 14.53
C LYS A 520 -3.71 -26.19 13.48
N THR A 521 -3.56 -26.83 12.33
CA THR A 521 -4.64 -26.87 11.36
C THR A 521 -5.73 -27.82 11.85
N VAL A 522 -6.98 -27.47 11.55
CA VAL A 522 -8.09 -28.35 11.89
C VAL A 522 -8.06 -29.56 10.98
N LYS A 523 -8.09 -30.74 11.58
CA LYS A 523 -8.28 -31.99 10.85
C LYS A 523 -9.37 -32.87 11.46
N GLU A 524 -9.50 -32.89 12.78
CA GLU A 524 -10.44 -33.79 13.42
C GLU A 524 -11.87 -33.35 13.19
N ASN A 525 -12.24 -32.18 13.69
CA ASN A 525 -13.60 -31.67 13.59
C ASN A 525 -13.81 -30.96 12.25
N LEU A 526 -13.64 -31.75 11.18
CA LEU A 526 -13.66 -31.22 9.82
C LEU A 526 -15.06 -31.19 9.24
N GLY A 527 -15.87 -32.21 9.55
CA GLY A 527 -17.24 -32.20 9.08
C GLY A 527 -18.04 -31.03 9.61
N GLN A 528 -17.76 -30.61 10.85
CA GLN A 528 -18.36 -29.40 11.38
C GLN A 528 -18.05 -28.21 10.49
N LEU A 529 -16.77 -28.03 10.16
CA LEU A 529 -16.36 -26.96 9.26
C LEU A 529 -17.13 -27.03 7.95
N LYS A 530 -17.12 -28.19 7.30
CA LYS A 530 -17.61 -28.25 5.93
C LYS A 530 -19.13 -28.14 5.86
N HIS A 531 -19.85 -28.70 6.83
CA HIS A 531 -21.28 -28.42 6.90
C HIS A 531 -21.55 -26.97 7.26
N GLN A 532 -20.60 -26.30 7.94
CA GLN A 532 -20.75 -24.91 8.35
C GLN A 532 -20.03 -23.94 7.42
N ILE A 533 -19.05 -24.41 6.65
CA ILE A 533 -18.21 -23.56 5.83
C ILE A 533 -18.08 -24.22 4.46
N LYS A 534 -17.93 -23.39 3.43
CA LYS A 534 -17.81 -23.87 2.07
C LYS A 534 -16.78 -23.00 1.36
N GLU A 535 -16.70 -23.17 0.04
CA GLU A 535 -15.86 -22.33 -0.82
C GLU A 535 -16.69 -21.93 -2.03
N PRO A 536 -16.29 -20.86 -2.73
CA PRO A 536 -16.98 -20.51 -3.97
C PRO A 536 -16.51 -21.38 -5.13
N CYS A 537 -17.19 -21.19 -6.25
CA CYS A 537 -16.79 -21.80 -7.51
C CYS A 537 -15.92 -20.83 -8.30
N LYS A 538 -14.76 -21.31 -8.74
CA LYS A 538 -13.91 -20.47 -9.56
C LYS A 538 -14.56 -20.21 -10.90
N LYS A 539 -14.09 -19.16 -11.57
CA LYS A 539 -14.64 -18.78 -12.86
C LYS A 539 -13.65 -17.88 -13.57
N PHE A 540 -13.28 -18.26 -14.79
CA PHE A 540 -12.38 -17.48 -15.63
C PHE A 540 -13.18 -16.81 -16.74
N VAL A 541 -12.78 -15.59 -17.08
CA VAL A 541 -13.46 -14.78 -18.08
C VAL A 541 -12.36 -14.11 -18.90
N ILE A 542 -12.24 -14.51 -20.15
CA ILE A 542 -11.16 -14.06 -21.03
C ILE A 542 -11.80 -13.27 -22.17
N ALA A 543 -11.09 -12.25 -22.63
CA ALA A 543 -11.62 -11.39 -23.69
C ALA A 543 -10.47 -10.85 -24.51
N ASP A 544 -10.59 -10.97 -25.83
CA ASP A 544 -9.56 -10.58 -26.78
C ASP A 544 -10.06 -9.40 -27.61
N ASP A 545 -9.10 -8.59 -28.08
CA ASP A 545 -9.40 -7.42 -28.88
C ASP A 545 -9.23 -7.72 -30.37
N THR A 546 -10.16 -7.23 -31.16
CA THR A 546 -10.07 -7.29 -32.61
C THR A 546 -10.43 -5.94 -33.23
N ARG A 547 -10.10 -4.86 -32.53
CA ARG A 547 -10.53 -3.51 -32.87
C ARG A 547 -9.42 -2.56 -32.44
N GLU A 548 -9.78 -1.28 -32.28
CA GLU A 548 -8.91 -0.20 -31.79
C GLU A 548 -7.99 0.34 -32.88
N ASN A 549 -8.20 -0.03 -34.13
CA ASN A 549 -7.33 0.55 -35.15
C ASN A 549 -7.57 2.04 -35.42
N PRO A 550 -8.77 2.66 -35.18
CA PRO A 550 -8.87 4.09 -35.51
C PRO A 550 -8.31 4.98 -34.41
N PHE A 551 -8.42 4.53 -33.16
CA PHE A 551 -7.99 5.33 -32.01
C PHE A 551 -6.57 4.98 -31.56
N LYS A 552 -6.36 3.72 -31.17
CA LYS A 552 -5.06 3.30 -30.63
C LYS A 552 -3.95 3.60 -31.63
N GLU A 553 -4.07 3.07 -32.84
CA GLU A 553 -3.09 3.39 -33.88
C GLU A 553 -3.05 4.88 -34.17
N LYS A 554 -4.13 5.61 -33.91
CA LYS A 554 -4.07 7.06 -34.07
C LYS A 554 -3.11 7.68 -33.06
N LEU A 555 -2.93 7.05 -31.90
CA LEU A 555 -1.98 7.50 -30.90
C LEU A 555 -0.58 6.99 -31.18
N LEU A 556 -0.46 5.74 -31.62
CA LEU A 556 0.84 5.23 -32.03
C LEU A 556 1.40 6.02 -33.20
N GLU A 557 0.51 6.57 -34.03
CA GLU A 557 0.92 7.51 -35.07
C GLU A 557 1.64 8.71 -34.45
N ILE A 558 1.04 9.29 -33.41
CA ILE A 558 1.64 10.46 -32.77
C ILE A 558 2.96 10.06 -32.12
N MET A 559 3.02 8.84 -31.57
CA MET A 559 4.26 8.33 -31.00
C MET A 559 5.36 8.28 -32.04
N ALA A 560 5.07 7.67 -33.20
CA ALA A 560 6.06 7.59 -34.26
C ALA A 560 6.45 8.99 -34.75
N SER A 561 5.48 9.90 -34.81
CA SER A 561 5.77 11.26 -35.23
C SER A 561 6.75 11.93 -34.29
N ILE A 562 6.52 11.78 -32.99
CA ILE A 562 7.39 12.44 -32.02
C ILE A 562 8.75 11.77 -32.00
N GLN A 563 8.82 10.46 -32.19
CA GLN A 563 10.11 9.78 -32.23
C GLN A 563 10.90 10.19 -33.46
N THR A 564 10.23 10.38 -34.59
CA THR A 564 10.89 10.90 -35.78
C THR A 564 11.19 12.39 -35.66
N TYR A 565 10.57 13.07 -34.70
CA TYR A 565 11.03 14.40 -34.30
C TYR A 565 12.22 14.32 -33.35
N CYS A 566 12.44 13.18 -32.70
CA CYS A 566 13.49 13.00 -31.71
C CYS A 566 14.71 12.25 -32.22
N GLN A 567 14.53 11.33 -33.16
CA GLN A 567 15.57 10.39 -33.57
C GLN A 567 16.03 9.55 -32.38
N LYS A 568 15.08 8.78 -31.83
CA LYS A 568 15.36 7.87 -30.73
C LYS A 568 14.56 6.59 -30.96
N SER A 569 15.24 5.45 -30.93
CA SER A 569 14.62 4.16 -31.22
C SER A 569 14.20 3.50 -29.93
N PRO A 570 12.92 3.19 -29.73
CA PRO A 570 12.55 2.44 -28.52
C PRO A 570 13.15 1.05 -28.45
N MET A 571 13.25 0.37 -29.59
CA MET A 571 13.68 -1.02 -29.65
C MET A 571 12.76 -1.93 -28.83
N SER A 572 11.48 -1.57 -28.74
CA SER A 572 10.51 -2.37 -28.03
C SER A 572 9.10 -1.94 -28.47
N ASP A 573 8.09 -2.42 -27.76
CA ASP A 573 6.71 -2.29 -28.18
C ASP A 573 6.07 -1.05 -27.57
N PHE A 574 5.14 -0.46 -28.32
CA PHE A 574 4.31 0.63 -27.80
C PHE A 574 3.24 0.07 -26.89
N GLY A 575 3.12 0.64 -25.69
CA GLY A 575 2.08 0.25 -24.75
C GLY A 575 2.50 -0.84 -23.79
N THR A 576 3.60 -0.61 -23.07
CA THR A 576 4.08 -1.57 -22.09
C THR A 576 5.00 -0.85 -21.11
N GLN A 577 5.69 -1.62 -20.27
CA GLN A 577 6.52 -1.07 -19.20
C GLN A 577 7.98 -0.96 -19.57
N HIS A 578 8.50 -1.86 -20.40
CA HIS A 578 9.87 -1.73 -20.85
C HIS A 578 10.05 -0.44 -21.65
N TYR A 579 9.05 -0.10 -22.46
CA TYR A 579 9.03 1.18 -23.15
C TYR A 579 9.08 2.33 -22.16
N GLU A 580 8.31 2.23 -21.08
CA GLU A 580 8.34 3.25 -20.05
C GLU A 580 9.75 3.41 -19.50
N GLN A 581 10.33 2.32 -18.99
CA GLN A 581 11.66 2.37 -18.38
C GLN A 581 12.68 2.95 -19.35
N TRP A 582 12.56 2.63 -20.64
CA TRP A 582 13.43 3.26 -21.63
C TRP A 582 13.25 4.77 -21.62
N ALA A 583 12.00 5.22 -21.62
CA ALA A 583 11.73 6.66 -21.61
C ALA A 583 12.27 7.31 -20.33
N ILE A 584 12.20 6.59 -19.21
CA ILE A 584 12.62 7.15 -17.94
C ILE A 584 14.13 7.36 -17.94
N GLN A 585 14.88 6.31 -18.32
CA GLN A 585 16.33 6.46 -18.34
C GLN A 585 16.77 7.47 -19.38
N MET A 586 16.04 7.55 -20.49
CA MET A 586 16.33 8.56 -21.50
C MET A 586 16.15 9.96 -20.92
N GLU A 587 15.05 10.17 -20.19
CA GLU A 587 14.80 11.46 -19.58
C GLU A 587 15.87 11.81 -18.56
N LYS A 588 16.24 10.83 -17.72
CA LYS A 588 17.24 11.08 -16.69
C LYS A 588 18.58 11.43 -17.31
N LYS A 589 18.94 10.77 -18.41
CA LYS A 589 20.20 11.10 -19.07
C LYS A 589 20.13 12.48 -19.70
N ALA A 590 19.01 12.81 -20.35
CA ALA A 590 18.88 14.10 -21.00
C ALA A 590 18.96 15.22 -19.98
N ALA A 591 18.37 15.02 -18.80
CA ALA A 591 18.50 16.02 -17.75
C ALA A 591 19.89 16.01 -17.14
N LYS A 592 20.56 14.86 -17.14
CA LYS A 592 21.96 14.82 -16.74
C LYS A 592 22.88 15.48 -17.76
N ASP A 593 22.41 15.65 -19.00
CA ASP A 593 23.20 16.25 -20.06
C ASP A 593 22.84 17.71 -20.33
N GLY A 594 21.73 18.20 -19.77
CA GLY A 594 21.19 19.49 -20.17
C GLY A 594 20.48 19.48 -21.50
N ASN A 595 20.42 18.34 -22.18
CA ASN A 595 19.76 18.23 -23.47
C ASN A 595 18.25 18.37 -23.28
N ARG A 596 17.69 19.47 -23.80
CA ARG A 596 16.27 19.52 -24.06
C ARG A 596 15.98 18.72 -25.33
N LYS A 597 14.71 18.72 -25.74
CA LYS A 597 14.22 18.01 -26.93
C LYS A 597 14.19 16.50 -26.76
N ASP A 598 14.72 15.98 -25.63
CA ASP A 598 14.85 14.56 -25.40
C ASP A 598 14.23 14.13 -24.08
N ARG A 599 14.38 14.94 -23.02
CA ARG A 599 13.61 14.72 -21.81
C ARG A 599 12.12 14.92 -22.05
N VAL A 600 11.78 15.86 -22.93
CA VAL A 600 10.43 16.41 -22.92
C VAL A 600 9.49 15.50 -23.69
N CYS A 601 9.95 15.00 -24.83
CA CYS A 601 9.20 13.97 -25.52
C CYS A 601 9.22 12.68 -24.73
N ALA A 602 10.25 12.46 -23.91
CA ALA A 602 10.22 11.32 -22.99
C ALA A 602 9.04 11.42 -22.04
N GLU A 603 8.86 12.58 -21.41
CA GLU A 603 7.76 12.75 -20.48
C GLU A 603 6.41 12.65 -21.17
N HIS A 604 6.30 13.26 -22.35
CA HIS A 604 5.01 13.19 -23.05
C HIS A 604 4.71 11.77 -23.49
N LEU A 605 5.69 11.06 -24.07
CA LEU A 605 5.48 9.67 -24.46
C LEU A 605 5.20 8.79 -23.25
N ARG A 606 5.74 9.15 -22.08
CA ARG A 606 5.34 8.46 -20.86
C ARG A 606 3.86 8.66 -20.60
N LYS A 607 3.37 9.88 -20.79
CA LYS A 607 1.95 10.13 -20.59
C LYS A 607 1.11 9.33 -21.59
N TYR A 608 1.57 9.26 -22.85
CA TYR A 608 0.86 8.47 -23.84
C TYR A 608 0.88 6.99 -23.48
N ASN A 609 1.99 6.52 -22.91
CA ASN A 609 2.07 5.13 -22.50
C ASN A 609 1.11 4.84 -21.35
N GLU A 610 1.01 5.77 -20.41
CA GLU A 610 -0.01 5.66 -19.37
C GLU A 610 -1.40 5.57 -19.97
N ALA A 611 -1.66 6.42 -20.96
CA ALA A 611 -2.96 6.41 -21.63
C ALA A 611 -3.22 5.06 -22.29
N LEU A 612 -2.20 4.48 -22.91
CA LEU A 612 -2.36 3.17 -23.53
C LEU A 612 -2.62 2.10 -22.48
N GLN A 613 -1.86 2.13 -21.38
CA GLN A 613 -1.98 1.08 -20.38
C GLN A 613 -3.35 1.12 -19.70
N ILE A 614 -3.93 2.31 -19.55
CA ILE A 614 -5.31 2.36 -19.09
C ILE A 614 -6.25 1.95 -20.21
N ASN A 615 -5.86 2.19 -21.46
CA ASN A 615 -6.64 1.70 -22.60
C ASN A 615 -6.62 0.18 -22.66
N ASP A 616 -5.64 -0.47 -22.03
CA ASP A 616 -5.72 -1.91 -21.83
C ASP A 616 -6.84 -2.29 -20.88
N THR A 617 -7.33 -1.34 -20.10
CA THR A 617 -8.29 -1.57 -19.03
C THR A 617 -9.56 -0.73 -19.16
N ILE A 618 -9.49 0.43 -19.83
CA ILE A 618 -10.50 1.48 -19.72
C ILE A 618 -10.76 2.04 -21.11
N ARG A 619 -11.95 2.63 -21.30
CA ARG A 619 -12.34 3.15 -22.60
C ARG A 619 -11.43 4.30 -23.04
N MET A 620 -11.56 4.64 -24.32
CA MET A 620 -10.81 5.76 -24.90
C MET A 620 -11.09 7.06 -24.18
N ILE A 621 -12.32 7.22 -23.67
CA ILE A 621 -12.76 8.51 -23.16
C ILE A 621 -12.00 8.88 -21.90
N ASP A 622 -11.68 7.89 -21.05
CA ASP A 622 -10.96 8.20 -19.82
C ASP A 622 -9.56 8.68 -20.10
N ALA A 623 -8.87 8.06 -21.07
CA ALA A 623 -7.54 8.50 -21.41
C ALA A 623 -7.57 9.85 -22.09
N TYR A 624 -8.60 10.09 -22.91
CA TYR A 624 -8.80 11.43 -23.46
C TYR A 624 -8.92 12.45 -22.35
N SER A 625 -9.69 12.13 -21.31
CA SER A 625 -9.81 13.01 -20.15
C SER A 625 -8.47 13.22 -19.46
N HIS A 626 -7.70 12.14 -19.31
CA HIS A 626 -6.42 12.21 -18.63
C HIS A 626 -5.48 13.18 -19.34
N LEU A 627 -5.25 12.95 -20.63
CA LEU A 627 -4.36 13.85 -21.36
C LEU A 627 -4.96 15.24 -21.53
N GLU A 628 -6.28 15.34 -21.51
CA GLU A 628 -6.92 16.65 -21.53
C GLU A 628 -6.52 17.45 -20.29
N THR A 629 -6.62 16.82 -19.11
CA THR A 629 -6.14 17.44 -17.88
C THR A 629 -4.66 17.82 -17.99
N PHE A 630 -3.85 16.90 -18.52
CA PHE A 630 -2.42 17.14 -18.58
C PHE A 630 -2.10 18.36 -19.43
N TYR A 631 -2.47 18.32 -20.71
CA TYR A 631 -2.16 19.45 -21.59
C TYR A 631 -2.92 20.71 -21.19
N THR A 632 -4.03 20.58 -20.45
CA THR A 632 -4.68 21.76 -19.88
C THR A 632 -3.75 22.44 -18.90
N ASP A 633 -3.19 21.67 -17.96
CA ASP A 633 -2.23 22.22 -17.03
C ASP A 633 -1.03 22.80 -17.76
N GLU A 634 -0.59 22.13 -18.83
CA GLU A 634 0.57 22.61 -19.57
C GLU A 634 0.30 23.97 -20.18
N LYS A 635 -0.80 24.10 -20.94
CA LYS A 635 -1.14 25.38 -21.55
C LYS A 635 -1.38 26.44 -20.49
N GLU A 636 -1.91 26.05 -19.32
CA GLU A 636 -2.06 27.00 -18.23
C GLU A 636 -0.71 27.56 -17.82
N LYS A 637 0.28 26.68 -17.65
CA LYS A 637 1.62 27.13 -17.28
C LYS A 637 2.21 28.02 -18.35
N LYS A 638 2.00 27.66 -19.62
CA LYS A 638 2.56 28.45 -20.71
C LYS A 638 1.96 29.85 -20.74
N PHE A 639 0.63 29.94 -20.62
CA PHE A 639 -0.02 31.23 -20.60
C PHE A 639 0.36 32.03 -19.36
N ALA A 640 0.57 31.36 -18.23
CA ALA A 640 1.01 32.07 -17.03
C ALA A 640 2.39 32.67 -17.22
N VAL A 641 3.30 31.92 -17.85
CA VAL A 641 4.63 32.45 -18.13
C VAL A 641 4.53 33.61 -19.13
N LEU A 642 3.79 33.40 -20.21
CA LEU A 642 3.65 34.43 -21.23
C LEU A 642 2.96 35.68 -20.70
N ASN A 643 2.06 35.52 -19.73
CA ASN A 643 1.35 36.63 -19.14
C ASN A 643 2.13 37.30 -18.01
N ASP A 644 3.44 37.07 -17.96
CA ASP A 644 4.29 37.68 -16.95
C ASP A 644 5.39 38.49 -17.61
N LYS A 647 6.23 41.61 -19.32
CA LYS A 647 7.66 41.83 -19.21
C LYS A 647 8.40 40.53 -19.53
N SER A 648 7.91 39.82 -20.54
CA SER A 648 8.53 38.59 -20.99
C SER A 648 8.05 38.30 -22.39
N LEU A 649 8.96 38.26 -23.36
CA LEU A 649 8.63 37.99 -24.75
C LEU A 649 9.59 36.95 -25.29
N LYS A 650 9.05 35.79 -25.67
CA LYS A 650 9.86 34.69 -26.18
C LYS A 650 8.91 33.62 -26.67
N LEU A 651 9.44 32.73 -27.51
CA LEU A 651 8.66 31.63 -28.07
C LEU A 651 9.53 30.38 -28.10
N ASP A 652 8.86 29.22 -28.13
CA ASP A 652 9.50 27.93 -28.14
C ASP A 652 9.17 27.19 -29.44
N GLU A 653 10.02 26.21 -29.75
CA GLU A 653 9.89 25.41 -30.96
C GLU A 653 9.42 24.00 -30.67
N THR A 654 9.98 23.36 -29.65
CA THR A 654 9.53 22.03 -29.24
C THR A 654 8.07 22.06 -28.83
N ASP A 655 7.76 22.79 -27.76
CA ASP A 655 6.41 22.80 -27.19
C ASP A 655 5.37 23.22 -28.22
N GLU A 656 5.72 24.18 -29.07
CA GLU A 656 4.85 24.56 -30.17
C GLU A 656 4.56 23.37 -31.06
N PHE A 657 5.60 22.58 -31.38
CA PHE A 657 5.42 21.41 -32.23
C PHE A 657 4.51 20.38 -31.56
N LEU A 658 4.77 20.09 -30.29
CA LEU A 658 3.99 19.09 -29.57
C LEU A 658 2.53 19.50 -29.48
N MET A 659 2.28 20.78 -29.22
CA MET A 659 0.91 21.22 -28.99
C MET A 659 0.15 21.35 -30.30
N ASN A 660 0.79 21.86 -31.35
CA ASN A 660 0.18 21.83 -32.66
C ASN A 660 -0.01 20.41 -33.18
N LEU A 661 0.76 19.45 -32.63
CA LEU A 661 0.55 18.04 -32.97
C LEU A 661 -0.66 17.47 -32.24
N PHE A 662 -0.87 17.89 -30.99
CA PHE A 662 -1.90 17.28 -30.15
C PHE A 662 -3.27 17.95 -30.31
N PHE A 663 -3.33 19.26 -30.08
CA PHE A 663 -4.63 19.92 -30.01
C PHE A 663 -5.39 19.86 -31.33
N ASP A 664 -4.67 19.79 -32.45
CA ASP A 664 -5.34 19.66 -33.74
C ASP A 664 -6.04 18.32 -33.87
N ASN A 665 -5.65 17.31 -33.10
CA ASN A 665 -6.32 16.03 -33.05
C ASN A 665 -7.16 15.84 -31.80
N LYS A 666 -7.15 16.82 -30.89
CA LYS A 666 -7.94 16.73 -29.67
C LYS A 666 -9.42 16.50 -29.98
N LYS A 667 -10.01 17.37 -30.80
CA LYS A 667 -11.43 17.22 -31.15
C LYS A 667 -11.71 15.90 -31.84
N MET A 668 -10.79 15.48 -32.72
CA MET A 668 -10.95 14.21 -33.42
C MET A 668 -10.98 13.06 -32.42
N LEU A 669 -9.98 12.98 -31.55
CA LEU A 669 -9.90 11.89 -30.60
C LEU A 669 -11.08 11.89 -29.64
N LYS A 670 -11.63 13.07 -29.35
CA LYS A 670 -12.90 13.10 -28.64
C LYS A 670 -14.01 12.49 -29.48
N LYS A 671 -13.98 12.75 -30.78
CA LYS A 671 -14.94 12.11 -31.67
C LYS A 671 -14.67 10.61 -31.77
N LEU A 672 -13.39 10.23 -31.87
CA LEU A 672 -13.02 8.82 -31.89
C LEU A 672 -13.12 8.18 -30.51
N ALA A 673 -13.30 8.97 -29.45
CA ALA A 673 -13.45 8.41 -28.11
C ALA A 673 -14.82 7.77 -27.95
N GLU A 674 -15.87 8.55 -28.14
CA GLU A 674 -17.24 8.05 -27.92
C GLU A 674 -17.59 7.08 -29.03
N ASN A 675 -17.47 5.79 -28.73
CA ASN A 675 -17.88 4.74 -29.65
C ASN A 675 -18.37 3.54 -28.84
N PRO A 676 -19.67 3.28 -28.75
CA PRO A 676 -20.12 2.14 -27.93
C PRO A 676 -19.82 0.79 -28.54
N LYS A 677 -19.37 0.72 -29.80
CA LYS A 677 -19.13 -0.56 -30.44
C LYS A 677 -18.05 -1.33 -29.70
N TYR A 678 -16.81 -0.84 -29.73
CA TYR A 678 -15.73 -1.44 -28.96
C TYR A 678 -15.44 -0.59 -27.72
N GLU A 679 -16.39 -0.62 -26.78
CA GLU A 679 -16.13 0.06 -25.51
C GLU A 679 -14.95 -0.59 -24.80
N ASN A 680 -15.08 -1.85 -24.43
CA ASN A 680 -13.97 -2.67 -23.98
C ASN A 680 -14.47 -4.10 -23.82
N GLU A 681 -13.60 -5.05 -24.12
CA GLU A 681 -13.96 -6.46 -24.00
C GLU A 681 -14.33 -6.78 -22.55
N LYS A 682 -13.38 -6.60 -21.63
CA LYS A 682 -13.58 -6.97 -20.23
C LYS A 682 -14.77 -6.22 -19.63
N LEU A 683 -15.02 -5.00 -20.09
CA LEU A 683 -16.13 -4.24 -19.53
C LEU A 683 -17.47 -4.86 -19.94
N ILE A 684 -17.59 -5.29 -21.19
CA ILE A 684 -18.81 -5.99 -21.61
C ILE A 684 -18.94 -7.30 -20.85
N LYS A 685 -17.81 -7.99 -20.65
CA LYS A 685 -17.85 -9.27 -19.95
C LYS A 685 -18.36 -9.11 -18.53
N LEU A 686 -17.86 -8.10 -17.82
CA LEU A 686 -18.35 -7.88 -16.46
C LEU A 686 -19.77 -7.35 -16.46
N ARG A 687 -20.17 -6.62 -17.51
CA ARG A 687 -21.57 -6.23 -17.61
C ARG A 687 -22.45 -7.47 -17.62
N ASN A 688 -22.10 -8.44 -18.47
CA ASN A 688 -22.85 -9.69 -18.53
C ASN A 688 -22.84 -10.40 -17.18
N THR A 689 -21.64 -10.57 -16.59
CA THR A 689 -21.51 -11.31 -15.34
C THR A 689 -22.32 -10.66 -14.22
N ILE A 690 -22.08 -9.37 -14.00
CA ILE A 690 -22.77 -8.59 -12.98
C ILE A 690 -24.27 -8.72 -13.15
N LEU A 691 -24.79 -8.27 -14.30
CA LEU A 691 -26.24 -8.25 -14.48
C LEU A 691 -26.84 -9.64 -14.36
N GLU A 692 -26.11 -10.67 -14.78
CA GLU A 692 -26.56 -12.05 -14.57
C GLU A 692 -26.75 -12.32 -13.08
N GLN A 693 -25.74 -12.02 -12.28
CA GLN A 693 -25.82 -12.30 -10.84
C GLN A 693 -26.93 -11.50 -10.19
N PHE A 694 -26.97 -10.20 -10.45
CA PHE A 694 -27.90 -9.32 -9.76
C PHE A 694 -29.33 -9.50 -10.24
N THR A 695 -29.54 -10.14 -11.40
CA THR A 695 -30.87 -10.61 -11.75
C THR A 695 -31.17 -11.95 -11.11
N ARG A 696 -30.15 -12.79 -10.90
CA ARG A 696 -30.38 -14.12 -10.37
C ARG A 696 -30.72 -14.09 -8.88
N SER A 697 -30.18 -13.11 -8.14
CA SER A 697 -30.30 -13.14 -6.69
C SER A 697 -31.57 -12.49 -6.17
N GLU A 698 -32.07 -11.44 -6.83
CA GLU A 698 -33.31 -10.76 -6.43
C GLU A 698 -33.18 -10.17 -5.01
N GLU A 699 -32.33 -9.14 -4.93
CA GLU A 699 -32.08 -8.32 -3.74
C GLU A 699 -31.14 -9.00 -2.74
N SER A 700 -30.73 -10.26 -2.99
CA SER A 700 -29.86 -10.98 -2.08
C SER A 700 -28.38 -10.83 -2.44
N SER A 701 -27.98 -9.67 -2.95
CA SER A 701 -26.63 -9.43 -3.42
C SER A 701 -25.86 -8.55 -2.46
N ARG A 702 -24.55 -8.79 -2.42
CA ARG A 702 -23.59 -7.89 -1.79
C ARG A 702 -22.29 -8.05 -2.56
N GLY A 703 -21.80 -6.97 -3.16
CA GLY A 703 -20.76 -7.05 -4.16
C GLY A 703 -19.45 -6.43 -3.70
N ILE A 704 -18.34 -7.02 -4.16
CA ILE A 704 -17.01 -6.47 -3.96
C ILE A 704 -16.25 -6.60 -5.27
N ILE A 705 -15.46 -5.58 -5.58
CA ILE A 705 -14.66 -5.52 -6.79
C ILE A 705 -13.27 -5.06 -6.39
N PHE A 706 -12.25 -5.62 -7.03
CA PHE A 706 -10.88 -5.27 -6.78
C PHE A 706 -10.24 -4.73 -8.06
N THR A 707 -9.14 -4.02 -7.88
CA THR A 707 -8.30 -3.56 -8.98
C THR A 707 -6.99 -3.08 -8.39
N LYS A 708 -6.16 -2.47 -9.23
CA LYS A 708 -4.80 -2.08 -8.87
C LYS A 708 -4.75 -0.62 -8.46
N THR A 709 -5.19 0.27 -9.35
CA THR A 709 -5.05 1.70 -9.18
C THR A 709 -6.31 2.25 -8.51
N ARG A 710 -6.42 3.57 -8.49
CA ARG A 710 -7.56 4.29 -7.95
C ARG A 710 -8.35 5.02 -9.02
N GLN A 711 -7.63 5.68 -9.94
CA GLN A 711 -8.26 6.27 -11.12
C GLN A 711 -9.19 5.27 -11.79
N SER A 712 -8.76 4.01 -11.87
CA SER A 712 -9.63 2.91 -12.26
C SER A 712 -10.93 2.93 -11.46
N THR A 713 -10.82 2.92 -10.13
CA THR A 713 -11.99 2.79 -9.27
C THR A 713 -12.94 3.96 -9.45
N TYR A 714 -12.38 5.18 -9.49
CA TYR A 714 -13.20 6.36 -9.72
C TYR A 714 -13.95 6.25 -11.03
N ALA A 715 -13.25 5.87 -12.10
CA ALA A 715 -13.90 5.75 -13.40
C ALA A 715 -14.98 4.68 -13.38
N LEU A 716 -14.74 3.57 -12.68
CA LEU A 716 -15.72 2.50 -12.64
C LEU A 716 -16.98 2.94 -11.92
N SER A 717 -16.81 3.56 -10.75
CA SER A 717 -17.99 4.01 -10.00
C SER A 717 -18.76 5.05 -10.79
N GLN A 718 -18.06 6.00 -11.42
CA GLN A 718 -18.71 7.00 -12.26
C GLN A 718 -19.53 6.32 -13.36
N TRP A 719 -18.89 5.46 -14.14
CA TRP A 719 -19.53 4.90 -15.32
C TRP A 719 -20.67 3.97 -14.95
N ILE A 720 -20.57 3.30 -13.80
CA ILE A 720 -21.63 2.41 -13.38
C ILE A 720 -22.77 3.20 -12.76
N MET A 721 -22.51 4.43 -12.31
CA MET A 721 -23.61 5.35 -12.06
C MET A 721 -24.23 5.85 -13.36
N GLU A 722 -23.43 5.97 -14.42
CA GLU A 722 -23.93 6.49 -15.68
C GLU A 722 -24.88 5.50 -16.36
N ASN A 723 -24.39 4.29 -16.63
CA ASN A 723 -25.17 3.32 -17.37
C ASN A 723 -26.43 2.94 -16.62
N ALA A 724 -27.49 2.65 -17.38
CA ALA A 724 -28.81 2.39 -16.81
C ALA A 724 -29.08 0.92 -16.56
N LYS A 725 -28.43 0.04 -17.33
CA LYS A 725 -28.60 -1.39 -17.10
C LYS A 725 -28.17 -1.79 -15.70
N PHE A 726 -27.19 -1.06 -15.14
CA PHE A 726 -26.76 -1.28 -13.77
C PHE A 726 -27.64 -0.57 -12.76
N ALA A 727 -28.28 0.55 -13.17
CA ALA A 727 -29.15 1.28 -12.27
C ALA A 727 -30.55 0.69 -12.22
N GLU A 728 -31.03 0.14 -13.35
CA GLU A 728 -32.36 -0.46 -13.37
C GLU A 728 -32.46 -1.62 -12.40
N VAL A 729 -31.36 -2.36 -12.22
CA VAL A 729 -31.33 -3.38 -11.18
C VAL A 729 -31.18 -2.74 -9.80
N GLY A 730 -30.76 -1.48 -9.74
CA GLY A 730 -30.56 -0.81 -8.48
C GLY A 730 -29.30 -1.27 -7.76
N VAL A 731 -28.22 -1.49 -8.49
CA VAL A 731 -26.96 -1.94 -7.88
C VAL A 731 -26.20 -0.67 -7.50
N LYS A 732 -26.53 -0.16 -6.32
CA LYS A 732 -25.87 1.06 -5.83
C LYS A 732 -24.39 0.79 -5.60
N ALA A 733 -23.57 1.82 -5.83
CA ALA A 733 -22.14 1.65 -5.96
C ALA A 733 -21.39 2.73 -5.21
N HIS A 734 -20.16 2.39 -4.82
CA HIS A 734 -19.17 3.36 -4.36
C HIS A 734 -17.83 2.66 -4.27
N HIS A 735 -16.76 3.44 -4.45
CA HIS A 735 -15.41 2.90 -4.44
C HIS A 735 -14.81 3.04 -3.05
N LEU A 736 -13.55 2.64 -2.92
CA LEU A 736 -12.88 2.63 -1.62
C LEU A 736 -11.38 2.60 -1.83
N ILE A 737 -10.66 3.40 -1.04
CA ILE A 737 -9.22 3.57 -1.17
C ILE A 737 -8.64 3.90 0.18
N GLY A 738 -7.31 3.81 0.27
CA GLY A 738 -6.61 4.25 1.46
C GLY A 738 -6.18 5.69 1.37
N ALA A 739 -5.94 6.29 2.53
CA ALA A 739 -5.72 7.74 2.62
C ALA A 739 -4.35 8.08 2.03
N GLY A 740 -4.33 8.17 0.70
CA GLY A 740 -3.17 8.61 -0.04
C GLY A 740 -3.40 9.96 -0.70
N HIS A 741 -2.72 10.98 -0.21
CA HIS A 741 -2.88 12.35 -0.71
C HIS A 741 -2.03 12.61 -1.95
N SER A 742 -2.10 11.72 -2.94
CA SER A 742 -1.22 11.84 -4.10
C SER A 742 -1.94 11.25 -5.31
N SER A 743 -2.61 12.11 -6.07
CA SER A 743 -3.22 11.75 -7.35
C SER A 743 -3.85 13.00 -7.93
N GLU A 744 -4.19 12.91 -9.21
CA GLU A 744 -5.19 13.81 -9.77
C GLU A 744 -6.55 13.56 -9.14
N VAL A 745 -6.78 12.34 -8.66
CA VAL A 745 -8.05 11.95 -8.06
C VAL A 745 -8.23 12.68 -6.73
N LYS A 746 -9.48 12.96 -6.40
CA LYS A 746 -9.79 13.55 -5.11
C LYS A 746 -9.62 12.50 -4.02
N PRO A 747 -8.85 12.77 -2.97
CA PRO A 747 -8.65 11.75 -1.94
C PRO A 747 -9.90 11.58 -1.07
N MET A 748 -9.81 10.64 -0.14
CA MET A 748 -10.87 10.34 0.80
C MET A 748 -10.38 10.46 2.22
N THR A 749 -11.33 10.40 3.14
CA THR A 749 -11.10 10.58 4.56
C THR A 749 -11.47 9.29 5.29
N GLN A 750 -10.86 9.11 6.46
CA GLN A 750 -11.13 7.93 7.27
C GLN A 750 -12.61 7.79 7.60
N THR A 751 -13.24 8.90 8.00
CA THR A 751 -14.66 8.88 8.32
C THR A 751 -15.48 8.49 7.10
N GLU A 752 -15.07 8.97 5.92
CA GLU A 752 -15.75 8.58 4.69
C GLU A 752 -15.64 7.09 4.46
N GLN A 753 -14.45 6.53 4.71
CA GLN A 753 -14.27 5.09 4.58
C GLN A 753 -15.24 4.35 5.49
N LYS A 754 -15.26 4.72 6.77
CA LYS A 754 -16.11 4.03 7.73
C LYS A 754 -17.58 4.16 7.35
N GLU A 755 -17.98 5.32 6.83
CA GLU A 755 -19.37 5.48 6.40
C GLU A 755 -19.67 4.56 5.24
N VAL A 756 -18.73 4.38 4.32
CA VAL A 756 -18.96 3.45 3.22
C VAL A 756 -19.09 2.04 3.75
N ILE A 757 -18.24 1.67 4.72
CA ILE A 757 -18.34 0.36 5.35
C ILE A 757 -19.72 0.15 5.93
N SER A 758 -20.24 1.17 6.63
CA SER A 758 -21.52 1.03 7.29
C SER A 758 -22.66 0.98 6.29
N LYS A 759 -22.58 1.79 5.23
CA LYS A 759 -23.63 1.77 4.22
C LYS A 759 -23.67 0.45 3.48
N PHE A 760 -22.51 -0.18 3.27
CA PHE A 760 -22.51 -1.46 2.58
C PHE A 760 -22.97 -2.58 3.49
N ARG A 761 -22.45 -2.60 4.72
CA ARG A 761 -22.94 -3.55 5.71
C ARG A 761 -24.41 -3.31 6.00
N THR A 762 -24.86 -2.07 5.86
CA THR A 762 -26.29 -1.78 5.79
C THR A 762 -26.89 -2.30 4.50
N GLY A 763 -26.08 -2.48 3.46
CA GLY A 763 -26.56 -2.85 2.15
C GLY A 763 -26.94 -1.68 1.27
N GLU A 764 -26.69 -0.45 1.71
CA GLU A 764 -27.07 0.70 0.90
C GLU A 764 -26.29 0.74 -0.41
N ILE A 765 -25.04 0.28 -0.40
CA ILE A 765 -24.29 0.03 -1.62
C ILE A 765 -24.34 -1.48 -1.90
N ASN A 766 -24.40 -1.84 -3.18
CA ASN A 766 -24.41 -3.23 -3.59
C ASN A 766 -23.05 -3.73 -4.08
N LEU A 767 -22.16 -2.84 -4.51
CA LEU A 767 -20.83 -3.22 -4.96
C LEU A 767 -19.83 -2.22 -4.42
N LEU A 768 -18.85 -2.71 -3.68
CA LEU A 768 -17.75 -1.91 -3.16
C LEU A 768 -16.56 -2.10 -4.09
N ILE A 769 -16.26 -1.08 -4.89
CA ILE A 769 -14.98 -1.03 -5.58
C ILE A 769 -13.90 -0.71 -4.55
N ALA A 770 -12.82 -1.48 -4.57
CA ALA A 770 -11.82 -1.38 -3.52
C ALA A 770 -10.45 -1.62 -4.09
N THR A 771 -9.50 -0.79 -3.66
CA THR A 771 -8.10 -1.01 -3.92
C THR A 771 -7.56 -1.97 -2.85
N THR A 772 -6.24 -2.05 -2.73
CA THR A 772 -5.60 -3.04 -1.88
C THR A 772 -5.81 -2.79 -0.38
N VAL A 773 -6.58 -1.77 0.00
CA VAL A 773 -6.98 -1.67 1.39
C VAL A 773 -7.92 -2.80 1.77
N ALA A 774 -8.55 -3.45 0.80
CA ALA A 774 -9.69 -4.32 1.08
C ALA A 774 -9.42 -5.79 0.78
N GLU A 775 -8.18 -6.20 0.58
CA GLU A 775 -7.92 -7.63 0.54
C GLU A 775 -8.19 -8.28 1.89
N GLU A 776 -7.57 -7.76 2.94
CA GLU A 776 -7.42 -8.16 4.34
C GLU A 776 -8.43 -7.41 5.20
N GLY A 777 -9.23 -8.16 5.97
CA GLY A 777 -10.24 -7.59 6.84
C GLY A 777 -11.64 -7.60 6.26
N LEU A 778 -12.38 -6.52 6.52
CA LEU A 778 -13.76 -6.30 6.08
C LEU A 778 -14.64 -7.53 6.34
N ASP A 779 -14.81 -7.78 7.64
CA ASP A 779 -15.64 -8.88 8.12
C ASP A 779 -17.10 -8.58 7.79
N ILE A 780 -17.45 -8.80 6.52
CA ILE A 780 -18.84 -8.63 6.10
C ILE A 780 -19.67 -9.77 6.66
N LYS A 781 -20.93 -9.49 6.95
CA LYS A 781 -21.82 -10.51 7.50
C LYS A 781 -22.06 -11.62 6.48
N GLU A 782 -22.53 -11.26 5.29
CA GLU A 782 -22.75 -12.25 4.25
C GLU A 782 -22.74 -11.56 2.90
N CYS A 783 -21.93 -12.08 1.98
CA CYS A 783 -21.89 -11.60 0.61
C CYS A 783 -21.59 -12.78 -0.31
N ASN A 784 -21.95 -12.61 -1.59
CA ASN A 784 -21.85 -13.66 -2.58
C ASN A 784 -20.80 -13.36 -3.65
N ILE A 785 -20.95 -12.23 -4.35
CA ILE A 785 -20.23 -11.99 -5.59
C ILE A 785 -18.98 -11.17 -5.29
N VAL A 786 -17.84 -11.73 -5.67
CA VAL A 786 -16.56 -11.03 -5.67
C VAL A 786 -15.87 -11.36 -6.99
N ILE A 787 -15.09 -10.40 -7.49
CA ILE A 787 -14.42 -10.53 -8.77
C ILE A 787 -12.99 -10.03 -8.64
N ARG A 788 -12.25 -10.10 -9.75
CA ARG A 788 -10.85 -9.72 -9.79
C ARG A 788 -10.60 -9.09 -11.16
N TYR A 789 -10.64 -7.77 -11.21
CA TYR A 789 -10.55 -7.06 -12.49
C TYR A 789 -9.08 -7.01 -12.91
N GLY A 790 -8.64 -8.05 -13.60
CA GLY A 790 -7.35 -8.07 -14.25
C GLY A 790 -6.18 -7.78 -13.35
N LEU A 791 -6.11 -8.49 -12.21
CA LEU A 791 -5.07 -8.27 -11.23
C LEU A 791 -4.64 -9.61 -10.65
N VAL A 792 -3.32 -9.83 -10.65
CA VAL A 792 -2.73 -11.01 -10.01
C VAL A 792 -1.42 -10.56 -9.37
N THR A 793 -1.30 -10.77 -8.06
CA THR A 793 -0.16 -10.33 -7.28
C THR A 793 0.59 -11.49 -6.64
N ASN A 794 -0.12 -12.33 -5.91
CA ASN A 794 0.48 -13.49 -5.27
C ASN A 794 -0.63 -14.46 -4.89
N GLU A 795 -0.27 -15.52 -4.17
CA GLU A 795 -1.27 -16.47 -3.72
C GLU A 795 -2.15 -15.89 -2.62
N ILE A 796 -1.60 -14.99 -1.83
CA ILE A 796 -2.29 -14.55 -0.63
C ILE A 796 -3.49 -13.68 -1.01
N ALA A 797 -3.29 -12.73 -1.91
CA ALA A 797 -4.41 -11.90 -2.35
C ALA A 797 -5.50 -12.76 -2.96
N MET A 798 -5.10 -13.77 -3.74
CA MET A 798 -6.06 -14.69 -4.34
C MET A 798 -6.91 -15.36 -3.29
N VAL A 799 -6.25 -16.02 -2.32
CA VAL A 799 -6.98 -16.82 -1.36
C VAL A 799 -7.80 -15.93 -0.42
N GLN A 800 -7.24 -14.78 -0.03
CA GLN A 800 -7.93 -13.92 0.92
C GLN A 800 -9.12 -13.23 0.29
N ALA A 801 -9.06 -12.97 -1.01
CA ALA A 801 -10.22 -12.42 -1.70
C ALA A 801 -11.20 -13.53 -2.06
N ARG A 802 -10.68 -14.71 -2.41
CA ARG A 802 -11.52 -15.83 -2.81
C ARG A 802 -12.35 -16.40 -1.66
N GLY A 803 -12.10 -15.97 -0.43
CA GLY A 803 -12.84 -16.46 0.72
C GLY A 803 -13.56 -15.38 1.50
N ARG A 804 -14.00 -14.32 0.81
CA ARG A 804 -14.76 -13.26 1.46
C ARG A 804 -16.26 -13.46 1.39
N ALA A 805 -16.73 -14.31 0.50
CA ALA A 805 -18.16 -14.58 0.39
C ALA A 805 -18.55 -15.50 1.54
N ARG A 806 -18.67 -14.90 2.73
CA ARG A 806 -19.11 -15.61 3.93
C ARG A 806 -20.62 -15.83 3.86
N ALA A 807 -21.01 -16.66 2.90
CA ALA A 807 -22.42 -16.92 2.64
C ALA A 807 -22.53 -18.15 1.76
N ASP A 808 -23.75 -18.65 1.64
CA ASP A 808 -24.01 -19.84 0.84
C ASP A 808 -24.13 -19.47 -0.64
N GLU A 809 -23.59 -20.33 -1.49
CA GLU A 809 -23.66 -20.17 -2.94
C GLU A 809 -22.94 -18.88 -3.36
N SER A 810 -21.68 -18.78 -2.94
CA SER A 810 -20.54 -17.89 -3.13
C SER A 810 -19.87 -18.18 -4.46
N THR A 811 -19.25 -17.16 -5.03
CA THR A 811 -18.56 -17.28 -6.31
C THR A 811 -17.31 -16.43 -6.33
N TYR A 812 -16.31 -16.90 -7.07
CA TYR A 812 -15.11 -16.13 -7.36
C TYR A 812 -14.93 -16.04 -8.87
N VAL A 813 -14.35 -14.93 -9.31
CA VAL A 813 -14.20 -14.62 -10.73
C VAL A 813 -12.82 -14.03 -10.96
N LEU A 814 -12.29 -14.27 -12.15
CA LEU A 814 -11.16 -13.52 -12.68
C LEU A 814 -11.51 -13.02 -14.07
N VAL A 815 -10.94 -11.89 -14.42
CA VAL A 815 -11.21 -11.20 -15.69
C VAL A 815 -9.86 -10.83 -16.28
N THR A 816 -9.42 -11.60 -17.28
CA THR A 816 -8.10 -11.44 -17.88
C THR A 816 -8.22 -11.11 -19.35
N SER A 817 -7.19 -10.46 -19.85
CA SER A 817 -6.97 -10.31 -21.29
C SER A 817 -6.01 -11.40 -21.74
N SER A 818 -6.28 -11.96 -22.92
CA SER A 818 -5.42 -13.02 -23.44
C SER A 818 -4.00 -12.55 -23.70
N GLY A 819 -3.78 -11.24 -23.82
CA GLY A 819 -2.48 -10.71 -24.13
C GLY A 819 -1.63 -10.39 -22.92
N SER A 820 -1.79 -11.18 -21.85
CA SER A 820 -0.98 -10.97 -20.65
C SER A 820 -0.96 -12.28 -19.86
N GLY A 821 0.19 -12.58 -19.28
CA GLY A 821 0.35 -13.81 -18.51
C GLY A 821 -0.30 -13.72 -17.16
N VAL A 822 -1.63 -13.69 -17.14
CA VAL A 822 -2.41 -13.41 -15.94
C VAL A 822 -3.06 -14.69 -15.42
N THR A 823 -3.83 -15.38 -16.28
CA THR A 823 -4.36 -16.68 -15.90
C THR A 823 -3.24 -17.66 -15.64
N GLU A 824 -2.11 -17.49 -16.34
CA GLU A 824 -0.86 -18.16 -15.99
C GLU A 824 -0.59 -18.05 -14.49
N ARG A 825 -0.44 -16.82 -14.01
CA ARG A 825 -0.12 -16.62 -12.60
C ARG A 825 -1.26 -17.03 -11.71
N GLU A 826 -2.48 -17.00 -12.22
CA GLU A 826 -3.61 -17.64 -11.54
C GLU A 826 -3.29 -19.10 -11.21
N ILE A 827 -2.84 -19.85 -12.22
CA ILE A 827 -2.53 -21.26 -12.01
C ILE A 827 -1.32 -21.40 -11.10
N VAL A 828 -0.36 -20.49 -11.23
CA VAL A 828 0.81 -20.50 -10.36
C VAL A 828 0.38 -20.41 -8.90
N ASN A 829 -0.47 -19.44 -8.60
CA ASN A 829 -0.95 -19.26 -7.24
C ASN A 829 -1.76 -20.45 -6.78
N ASP A 830 -2.52 -21.07 -7.69
CA ASP A 830 -3.25 -22.29 -7.33
C ASP A 830 -2.29 -23.38 -6.88
N PHE A 831 -1.20 -23.56 -7.63
CA PHE A 831 -0.24 -24.58 -7.26
C PHE A 831 0.44 -24.25 -5.94
N ARG A 832 0.77 -22.98 -5.73
CA ARG A 832 1.39 -22.58 -4.47
C ARG A 832 0.45 -22.84 -3.31
N GLU A 833 -0.85 -22.64 -3.52
CA GLU A 833 -1.84 -22.92 -2.49
C GLU A 833 -1.85 -24.40 -2.15
N LYS A 834 -1.86 -25.26 -3.17
CA LYS A 834 -1.78 -26.69 -2.90
C LYS A 834 -0.47 -27.06 -2.22
N MET A 835 0.61 -26.36 -2.57
CA MET A 835 1.94 -26.69 -2.09
C MET A 835 2.08 -26.39 -0.60
N MET A 836 1.58 -25.24 -0.16
CA MET A 836 1.85 -24.82 1.20
C MET A 836 1.13 -25.69 2.21
N TYR A 837 -0.04 -26.22 1.87
CA TYR A 837 -0.73 -27.12 2.78
C TYR A 837 0.07 -28.40 2.97
N LYS A 838 0.66 -28.92 1.89
CA LYS A 838 1.50 -30.10 2.02
C LYS A 838 2.73 -29.79 2.85
N ALA A 839 3.31 -28.60 2.67
CA ALA A 839 4.46 -28.22 3.48
C ALA A 839 4.09 -28.12 4.95
N ILE A 840 2.91 -27.58 5.24
CA ILE A 840 2.44 -27.49 6.62
C ILE A 840 2.27 -28.88 7.21
N ASN A 841 1.68 -29.79 6.43
CA ASN A 841 1.52 -31.16 6.91
C ASN A 841 2.87 -31.82 7.14
N ARG A 842 3.88 -31.44 6.36
CA ARG A 842 5.23 -31.91 6.63
C ARG A 842 5.72 -31.45 7.99
N VAL A 843 5.67 -30.13 8.23
CA VAL A 843 6.29 -29.60 9.45
C VAL A 843 5.50 -30.00 10.69
N GLN A 844 4.18 -30.15 10.58
CA GLN A 844 3.40 -30.56 11.74
C GLN A 844 3.86 -31.92 12.24
N ASN A 845 4.27 -32.81 11.34
CA ASN A 845 4.79 -34.11 11.70
C ASN A 845 6.29 -34.08 11.99
N MET A 846 6.90 -32.89 12.00
CA MET A 846 8.31 -32.78 12.35
C MET A 846 8.52 -33.14 13.82
N LYS A 847 9.72 -33.61 14.12
CA LYS A 847 10.09 -33.90 15.48
C LYS A 847 10.20 -32.57 16.26
N PRO A 848 9.86 -32.56 17.55
CA PRO A 848 9.98 -31.30 18.30
C PRO A 848 11.39 -30.78 18.42
N GLU A 849 12.36 -31.64 18.73
CA GLU A 849 13.71 -31.16 18.97
C GLU A 849 14.35 -30.62 17.69
N GLU A 850 14.11 -31.29 16.57
CA GLU A 850 14.64 -30.82 15.29
C GLU A 850 14.00 -29.49 14.91
N TYR A 851 12.68 -29.40 15.10
CA TYR A 851 11.97 -28.14 14.89
C TYR A 851 12.59 -27.03 15.73
N ALA A 852 12.87 -27.34 17.00
CA ALA A 852 13.45 -26.36 17.91
C ALA A 852 14.79 -25.87 17.40
N HIS A 853 15.64 -26.82 17.00
CA HIS A 853 16.96 -26.47 16.50
C HIS A 853 16.86 -25.56 15.29
N LYS A 854 15.99 -25.91 14.34
CA LYS A 854 15.84 -25.13 13.13
C LYS A 854 15.34 -23.72 13.43
N ILE A 855 14.38 -23.59 14.34
CA ILE A 855 13.86 -22.26 14.61
C ILE A 855 14.89 -21.42 15.35
N LEU A 856 15.70 -22.04 16.21
CA LEU A 856 16.76 -21.28 16.86
C LEU A 856 17.75 -20.77 15.83
N GLU A 857 18.09 -21.63 14.86
CA GLU A 857 18.95 -21.20 13.77
C GLU A 857 18.36 -20.00 13.06
N LEU A 858 17.08 -20.06 12.70
CA LEU A 858 16.51 -18.97 11.92
C LEU A 858 16.33 -17.71 12.76
N GLN A 859 16.11 -17.84 14.06
CA GLN A 859 16.09 -16.67 14.92
C GLN A 859 17.44 -15.98 14.90
N VAL A 860 18.51 -16.76 15.04
CA VAL A 860 19.85 -16.17 15.01
C VAL A 860 20.12 -15.56 13.65
N GLN A 861 19.65 -16.20 12.59
CA GLN A 861 19.87 -15.65 11.25
C GLN A 861 19.16 -14.32 11.10
N SER A 862 17.92 -14.23 11.60
CA SER A 862 17.19 -12.98 11.48
C SER A 862 17.86 -11.88 12.28
N ILE A 863 18.40 -12.22 13.45
CA ILE A 863 19.02 -11.19 14.28
C ILE A 863 20.34 -10.73 13.66
N LEU A 864 21.15 -11.68 13.18
CA LEU A 864 22.42 -11.31 12.55
C LEU A 864 22.20 -10.54 11.26
N GLU A 865 21.15 -10.88 10.51
CA GLU A 865 20.84 -10.14 9.30
C GLU A 865 20.50 -8.69 9.62
N LYS A 866 19.89 -8.45 10.77
CA LYS A 866 19.52 -7.09 11.13
C LYS A 866 20.76 -6.23 11.32
N LYS A 867 21.72 -6.74 12.10
CA LYS A 867 23.04 -6.23 12.47
C LYS A 867 23.83 -5.81 11.23
N MET A 868 23.82 -6.65 10.19
CA MET A 868 24.60 -6.35 8.99
C MET A 868 24.00 -5.19 8.23
N LYS A 869 22.67 -5.17 8.06
CA LYS A 869 21.78 -4.20 7.44
C LYS A 869 21.85 -2.86 8.16
N VAL A 870 22.24 -2.87 9.44
CA VAL A 870 22.66 -1.86 10.40
C VAL A 870 24.10 -1.44 10.14
N LYS A 871 24.99 -2.39 9.87
CA LYS A 871 26.38 -2.06 9.57
C LYS A 871 26.48 -1.26 8.28
N ARG A 872 25.70 -1.62 7.28
CA ARG A 872 25.65 -0.86 6.04
C ARG A 872 24.85 0.42 6.19
N SER A 873 24.20 0.63 7.34
CA SER A 873 23.43 1.84 7.61
C SER A 873 23.91 2.56 8.86
N ILE A 874 25.15 2.33 9.28
CA ILE A 874 25.71 3.06 10.42
C ILE A 874 25.74 4.53 10.04
N ALA A 875 26.57 4.88 9.07
CA ALA A 875 26.37 6.10 8.30
C ALA A 875 26.18 5.80 6.82
N LYS A 876 27.17 5.18 6.18
CA LYS A 876 27.16 4.75 4.78
C LYS A 876 27.22 5.92 3.80
N GLN A 877 26.95 7.14 4.30
CA GLN A 877 27.07 8.39 3.55
C GLN A 877 27.11 9.48 4.62
N TYR A 878 28.28 10.06 4.85
CA TYR A 878 28.38 11.03 5.93
C TYR A 878 29.19 12.26 5.52
N ASN A 879 29.23 12.55 4.23
CA ASN A 879 29.86 13.79 3.76
C ASN A 879 28.96 14.95 4.14
N ASP A 880 29.33 15.70 5.16
CA ASP A 880 28.53 16.82 5.63
C ASP A 880 28.92 18.09 4.88
N ASN A 881 28.62 18.07 3.57
CA ASN A 881 29.05 19.12 2.65
C ASN A 881 27.90 20.08 2.40
N PRO A 882 27.83 21.21 3.11
CA PRO A 882 26.60 22.01 3.10
C PRO A 882 26.24 22.60 1.75
N SER A 883 27.15 23.37 1.16
CA SER A 883 26.92 24.04 -0.12
C SER A 883 28.15 23.76 -0.97
N LEU A 884 28.14 22.58 -1.57
CA LEU A 884 29.17 22.13 -2.50
C LEU A 884 28.51 21.68 -3.80
N ILE A 885 27.44 22.39 -4.17
CA ILE A 885 26.50 21.97 -5.19
C ILE A 885 25.98 23.20 -5.91
N THR A 886 25.23 22.98 -6.98
CA THR A 886 24.33 23.97 -7.56
C THR A 886 23.12 23.23 -8.07
N LEU A 887 21.94 23.68 -7.69
CA LEU A 887 20.69 23.10 -8.16
C LEU A 887 20.20 23.91 -9.36
N LEU A 888 20.00 23.21 -10.47
CA LEU A 888 19.46 23.79 -11.68
C LEU A 888 18.04 23.30 -11.89
N CYS A 889 17.32 24.02 -12.74
CA CYS A 889 16.08 23.48 -13.28
C CYS A 889 16.40 22.24 -14.11
N LYS A 890 15.37 21.43 -14.34
CA LYS A 890 15.52 20.14 -14.96
C LYS A 890 15.13 20.14 -16.44
N ASN A 891 14.01 20.77 -16.78
CA ASN A 891 13.63 20.95 -18.18
C ASN A 891 14.67 21.83 -18.86
N CYS A 892 14.74 23.09 -18.45
CA CYS A 892 15.82 23.97 -18.86
C CYS A 892 16.98 23.80 -17.91
N SER A 893 18.18 24.05 -18.42
CA SER A 893 19.38 24.02 -17.58
C SER A 893 19.63 25.37 -16.93
N MET A 894 18.61 25.86 -16.24
CA MET A 894 18.64 27.17 -15.61
C MET A 894 19.03 27.04 -14.15
N LEU A 895 20.03 27.80 -13.73
CA LEU A 895 20.44 27.80 -12.34
C LEU A 895 19.32 28.32 -11.46
N VAL A 896 19.22 27.76 -10.25
CA VAL A 896 18.16 28.09 -9.32
C VAL A 896 18.78 28.55 -8.00
N CYS A 897 19.51 27.66 -7.34
CA CYS A 897 20.02 27.95 -6.01
C CYS A 897 21.29 27.14 -5.74
N SER A 898 21.95 27.49 -4.65
CA SER A 898 23.07 26.76 -4.08
C SER A 898 22.63 26.12 -2.76
N GLY A 899 23.57 25.51 -2.06
CA GLY A 899 23.27 24.87 -0.79
C GLY A 899 23.25 25.80 0.40
N GLU A 900 23.88 26.97 0.29
CA GLU A 900 24.02 27.86 1.44
C GLU A 900 22.76 28.66 1.69
N ASN A 901 22.01 28.99 0.63
CA ASN A 901 20.75 29.69 0.80
C ASN A 901 19.65 28.79 1.34
N ILE A 902 19.90 27.49 1.48
CA ILE A 902 18.87 26.53 1.88
C ILE A 902 18.93 26.34 3.39
N HIS A 903 17.75 26.17 3.98
CA HIS A 903 17.59 25.85 5.39
C HIS A 903 16.44 24.86 5.50
N VAL A 904 16.07 24.53 6.74
CA VAL A 904 15.16 23.43 7.01
C VAL A 904 14.17 23.85 8.10
N ILE A 905 12.96 23.29 8.03
CA ILE A 905 12.01 23.37 9.14
C ILE A 905 11.48 21.98 9.43
N GLU A 906 11.22 21.75 10.71
CA GLU A 906 10.68 20.50 11.23
C GLU A 906 11.60 19.32 10.99
N LYS A 907 12.87 19.59 10.66
CA LYS A 907 13.85 18.63 10.16
C LYS A 907 13.27 17.68 9.12
N MET A 908 12.27 18.14 8.36
CA MET A 908 11.68 17.39 7.26
C MET A 908 11.71 18.20 5.98
N HIS A 909 11.31 19.47 6.06
CA HIS A 909 11.08 20.28 4.88
C HIS A 909 12.29 21.16 4.59
N HIS A 910 12.79 21.07 3.36
CA HIS A 910 13.92 21.85 2.89
C HIS A 910 13.41 23.01 2.06
N VAL A 911 14.04 24.18 2.21
CA VAL A 911 13.46 25.42 1.67
C VAL A 911 14.56 26.45 1.47
N ASN A 912 14.33 27.41 0.57
CA ASN A 912 15.11 28.63 0.48
C ASN A 912 14.17 29.81 0.69
N MET A 913 14.68 30.85 1.36
CA MET A 913 13.86 31.99 1.78
C MET A 913 14.61 33.29 1.53
N THR A 914 15.16 33.45 0.33
CA THR A 914 15.86 34.66 -0.08
C THR A 914 15.12 35.32 -1.26
N PRO A 915 15.19 36.65 -1.40
CA PRO A 915 14.49 37.29 -2.54
C PRO A 915 15.03 36.88 -3.89
N GLU A 916 16.28 36.41 -3.97
CA GLU A 916 16.83 36.02 -5.27
C GLU A 916 16.07 34.83 -5.83
N PHE A 917 15.78 33.83 -5.00
CA PHE A 917 14.90 32.75 -5.43
C PHE A 917 13.46 33.24 -5.56
N LYS A 918 13.08 34.27 -4.82
CA LYS A 918 11.70 34.76 -4.88
C LYS A 918 11.38 35.27 -6.27
N GLY A 919 12.23 36.16 -6.80
CA GLY A 919 11.89 36.86 -8.03
C GLY A 919 12.22 36.10 -9.30
N LEU A 920 11.94 34.80 -9.33
CA LEU A 920 12.20 33.95 -10.49
C LEU A 920 11.01 33.10 -10.90
N TYR A 921 10.23 32.62 -9.94
CA TYR A 921 9.18 31.64 -10.22
C TYR A 921 7.86 32.32 -10.55
N ILE A 922 6.83 31.50 -10.75
CA ILE A 922 5.45 31.97 -10.88
C ILE A 922 4.58 31.08 -10.02
N VAL A 923 3.52 31.68 -9.47
CA VAL A 923 2.51 30.97 -8.69
C VAL A 923 1.33 30.71 -9.59
N ARG A 924 1.14 29.45 -9.99
CA ARG A 924 -0.03 29.11 -10.79
C ARG A 924 -1.24 28.99 -9.89
N GLU A 925 -2.33 29.66 -10.27
CA GLU A 925 -3.50 29.76 -9.42
C GLU A 925 -4.38 28.52 -9.54
N ASN A 926 -5.34 28.42 -8.62
CA ASN A 926 -6.30 27.32 -8.62
C ASN A 926 -7.40 27.59 -9.64
N GLN A 937 -7.35 30.71 -1.07
CA GLN A 937 -6.20 30.09 -1.71
C GLN A 937 -4.92 30.44 -0.96
N THR A 938 -4.37 29.46 -0.24
CA THR A 938 -3.16 29.66 0.55
C THR A 938 -2.00 28.83 0.04
N ASN A 939 -2.16 27.51 -0.08
CA ASN A 939 -1.10 26.63 -0.54
C ASN A 939 -1.01 26.72 -2.06
N GLY A 940 -0.15 27.62 -2.53
CA GLY A 940 0.02 27.83 -3.95
C GLY A 940 1.06 26.90 -4.56
N GLU A 941 0.89 26.63 -5.85
CA GLU A 941 1.80 25.80 -6.61
C GLU A 941 2.76 26.67 -7.42
N ILE A 942 4.01 26.23 -7.50
CA ILE A 942 5.09 26.99 -8.10
C ILE A 942 5.42 26.39 -9.45
N ILE A 943 5.83 27.24 -10.39
CA ILE A 943 6.30 26.81 -11.70
C ILE A 943 7.46 27.69 -12.13
N CYS A 944 8.15 27.22 -13.17
CA CYS A 944 9.36 27.83 -13.71
C CYS A 944 9.02 28.91 -14.74
N LYS A 945 10.07 29.54 -15.26
CA LYS A 945 9.93 30.39 -16.43
C LYS A 945 9.82 29.55 -17.69
N CYS A 946 10.64 28.48 -17.78
CA CYS A 946 10.54 27.57 -18.91
C CYS A 946 9.21 26.84 -18.92
N GLY A 947 8.65 26.57 -17.74
CA GLY A 947 7.39 25.86 -17.61
C GLY A 947 7.45 24.69 -16.65
N GLN A 948 8.59 24.50 -16.00
CA GLN A 948 8.77 23.39 -15.07
C GLN A 948 8.07 23.68 -13.74
N ALA A 949 7.48 22.64 -13.17
CA ALA A 949 6.95 22.71 -11.82
C ALA A 949 8.08 22.50 -10.81
N TRP A 950 8.07 23.32 -9.76
CA TRP A 950 9.15 23.35 -8.78
C TRP A 950 8.71 22.96 -7.39
N GLY A 951 7.60 23.50 -6.90
CA GLY A 951 7.27 23.29 -5.50
C GLY A 951 5.90 23.77 -5.13
N THR A 952 5.74 23.95 -3.81
CA THR A 952 4.50 24.40 -3.22
C THR A 952 4.83 25.43 -2.15
N MET A 953 3.92 26.37 -1.95
CA MET A 953 4.09 27.36 -0.91
C MET A 953 3.98 26.70 0.46
N MET A 954 4.38 27.44 1.49
CA MET A 954 4.28 26.92 2.85
C MET A 954 4.26 28.10 3.81
N VAL A 955 3.21 28.20 4.61
CA VAL A 955 3.07 29.28 5.59
C VAL A 955 3.42 28.66 6.94
N HIS A 956 4.70 28.78 7.31
CA HIS A 956 5.21 28.24 8.58
C HIS A 956 5.47 29.39 9.52
N LYS A 957 4.68 29.48 10.59
CA LYS A 957 4.80 30.51 11.61
C LYS A 957 4.81 31.90 10.97
N GLY A 958 3.90 32.09 10.02
CA GLY A 958 3.78 33.36 9.33
C GLY A 958 4.71 33.48 8.14
N LEU A 959 5.87 32.86 8.22
CA LEU A 959 6.84 32.92 7.12
C LEU A 959 6.27 32.24 5.88
N ASP A 960 6.20 32.98 4.78
CA ASP A 960 5.70 32.45 3.51
C ASP A 960 6.86 31.84 2.74
N LEU A 961 7.37 30.75 3.29
CA LEU A 961 8.51 30.06 2.69
C LEU A 961 8.02 29.16 1.55
N PRO A 962 8.51 29.33 0.31
CA PRO A 962 8.15 28.40 -0.76
C PRO A 962 9.03 27.15 -0.71
N CYS A 963 8.44 26.04 -0.30
CA CYS A 963 9.15 24.77 -0.27
C CYS A 963 9.04 24.09 -1.63
N LEU A 964 9.84 23.04 -1.81
CA LEU A 964 9.95 22.41 -3.11
C LEU A 964 10.15 20.91 -2.95
N LYS A 965 10.26 20.24 -4.10
CA LYS A 965 10.58 18.83 -4.19
C LYS A 965 11.87 18.70 -4.99
N ILE A 966 12.85 17.99 -4.41
CA ILE A 966 14.14 17.85 -5.08
C ILE A 966 14.02 17.06 -6.36
N ARG A 967 13.01 16.20 -6.47
CA ARG A 967 12.83 15.39 -7.68
C ARG A 967 12.64 16.23 -8.92
N ASN A 968 12.15 17.47 -8.76
CA ASN A 968 11.95 18.35 -9.91
C ASN A 968 13.22 19.03 -10.37
N PHE A 969 14.22 19.15 -9.52
CA PHE A 969 15.45 19.87 -9.83
C PHE A 969 16.58 18.89 -10.13
N VAL A 970 17.71 19.44 -10.59
CA VAL A 970 18.86 18.64 -11.01
C VAL A 970 20.13 19.14 -10.31
N VAL A 971 21.00 18.21 -10.00
CA VAL A 971 22.24 18.43 -9.28
C VAL A 971 23.33 18.87 -10.25
N ASN A 972 24.28 19.66 -9.76
CA ASN A 972 25.52 19.90 -10.49
C ASN A 972 26.57 20.27 -9.46
N PHE A 973 27.45 19.32 -9.14
CA PHE A 973 28.48 19.55 -8.14
C PHE A 973 29.46 20.62 -8.62
N LYS A 974 30.18 21.19 -7.65
CA LYS A 974 31.26 22.12 -7.97
C LYS A 974 32.52 21.41 -8.44
N ASN A 975 32.73 20.18 -7.98
CA ASN A 975 34.02 19.51 -8.19
C ASN A 975 34.20 19.09 -9.64
N ASN A 976 33.37 18.15 -10.10
CA ASN A 976 33.49 17.59 -11.44
C ASN A 976 32.16 17.37 -12.14
N SER A 977 31.04 17.71 -11.52
CA SER A 977 29.73 17.71 -12.18
C SER A 977 29.31 16.36 -12.75
N PRO A 978 29.29 15.25 -11.98
CA PRO A 978 28.50 14.09 -12.40
C PRO A 978 27.03 14.32 -12.10
N LYS A 979 26.33 14.99 -13.02
CA LYS A 979 24.94 15.34 -12.80
C LYS A 979 24.11 14.08 -12.58
N LYS A 980 23.23 14.13 -11.58
CA LYS A 980 22.46 12.96 -11.16
C LYS A 980 21.08 13.38 -10.69
N GLN A 981 20.22 12.38 -10.50
CA GLN A 981 18.91 12.55 -9.89
C GLN A 981 18.79 11.62 -8.70
N TYR A 982 18.01 12.05 -7.71
CA TYR A 982 17.93 11.37 -6.43
C TYR A 982 16.51 11.05 -5.97
N LYS A 983 15.49 11.75 -6.48
CA LYS A 983 14.08 11.44 -6.27
C LYS A 983 13.58 11.76 -4.86
N LYS A 984 14.46 12.10 -3.93
CA LYS A 984 14.04 12.46 -2.58
C LYS A 984 15.23 12.99 -1.80
N TRP A 985 14.94 13.65 -0.69
CA TRP A 985 15.98 14.35 0.05
C TRP A 985 16.83 13.38 0.86
N VAL A 986 16.21 12.40 1.50
CA VAL A 986 16.92 11.59 2.48
C VAL A 986 18.03 10.76 1.86
N GLU A 987 17.97 10.50 0.56
CA GLU A 987 18.93 9.58 -0.05
C GLU A 987 20.34 10.18 -0.08
N LEU A 988 20.46 11.46 -0.41
CA LEU A 988 21.77 12.05 -0.66
C LEU A 988 22.58 12.18 0.62
N PRO A 989 23.90 12.33 0.52
CA PRO A 989 24.70 12.40 1.75
C PRO A 989 24.59 13.71 2.49
N ILE A 990 24.62 14.85 1.79
CA ILE A 990 24.94 16.09 2.46
C ILE A 990 23.77 16.58 3.30
N ARG A 991 24.12 17.36 4.32
CA ARG A 991 23.19 17.84 5.32
C ARG A 991 22.91 19.33 5.10
N PHE A 992 21.70 19.75 5.45
CA PHE A 992 21.32 21.14 5.47
C PHE A 992 20.90 21.55 6.88
N PRO A 993 21.11 22.82 7.28
CA PRO A 993 20.76 23.23 8.64
C PRO A 993 19.30 23.65 8.77
N ASP A 994 18.86 23.70 10.03
CA ASP A 994 17.60 24.33 10.36
C ASP A 994 17.76 25.85 10.29
N LEU A 995 16.64 26.53 10.09
CA LEU A 995 16.62 27.97 9.89
C LEU A 995 16.42 28.68 11.23
N ASP A 996 17.44 29.41 11.67
CA ASP A 996 17.25 30.34 12.77
C ASP A 996 16.41 31.51 12.29
N TYR A 997 15.35 31.83 13.02
CA TYR A 997 14.45 32.89 12.62
C TYR A 997 14.98 34.28 12.92
N SER A 998 16.23 34.39 13.37
CA SER A 998 16.82 35.72 13.55
C SER A 998 16.79 36.53 12.27
N GLU A 999 16.92 35.87 11.13
CA GLU A 999 16.77 36.55 9.85
C GLU A 999 15.30 36.95 9.64
N TYR A 1000 15.10 37.89 8.73
CA TYR A 1000 13.78 38.43 8.42
C TYR A 1000 13.13 39.04 9.67
N CYS A 1001 13.75 40.10 10.14
CA CYS A 1001 13.25 40.86 11.28
C CYS A 1001 13.43 42.34 11.00
N LEU A 1002 12.32 43.06 10.82
CA LEU A 1002 12.36 44.50 10.57
C LEU A 1002 13.10 44.82 9.28
PB ADP D . -11.55 -13.92 9.41
O1B ADP D . -11.16 -15.26 9.94
O2B ADP D . -11.34 -13.78 7.92
O3B ADP D . -11.06 -12.74 10.23
PA ADP D . -13.72 -13.99 11.12
O1A ADP D . -12.94 -15.01 11.90
O2A ADP D . -13.82 -12.58 11.63
O3A ADP D . -13.14 -13.89 9.62
O5' ADP D . -15.21 -14.56 10.90
C5' ADP D . -16.27 -13.99 11.66
C4' ADP D . -17.56 -14.78 11.49
O4' ADP D . -17.50 -16.02 12.21
C3' ADP D . -18.74 -14.01 12.06
O3' ADP D . -19.56 -13.54 10.99
C2' ADP D . -19.50 -14.97 12.95
O2' ADP D . -20.86 -15.11 12.53
C1' ADP D . -18.77 -16.29 12.82
N9 ADP D . -18.56 -16.92 14.14
C8 ADP D . -17.49 -16.73 14.91
N7 ADP D . -17.57 -17.45 16.06
C5 ADP D . -18.73 -18.13 16.01
C6 ADP D . -19.43 -19.08 16.88
N6 ADP D . -18.90 -19.45 18.07
N1 ADP D . -20.62 -19.57 16.48
C2 ADP D . -21.16 -19.20 15.31
N3 ADP D . -20.57 -18.35 14.46
C4 ADP D . -19.37 -17.78 14.74
H5'1 ADP D . -16.43 -12.97 11.31
H5'2 ADP D . -16.00 -13.95 12.70
H4' ADP D . -17.74 -14.98 10.43
H3' ADP D . -18.36 -13.17 12.65
HO3' ADP D . -20.14 -12.84 11.30
H2' ADP D . -19.44 -14.63 13.99
HO2' ADP D . -21.33 -14.27 12.68
H1' ADP D . -19.35 -16.96 12.18
H8 ADP D . -16.67 -16.07 14.66
HN61 ADP D . -19.38 -20.10 18.66
HN62 ADP D . -18.01 -19.07 18.34
H2 ADP D . -22.12 -19.63 15.02
AL ALF E . -9.84 -13.13 8.36
F1 ALF E . -10.12 -11.41 8.75
F2 ALF E . -9.55 -14.84 7.96
F3 ALF E . -10.60 -12.90 6.75
F4 ALF E . -9.07 -13.37 9.94
MG MG F . -9.38 -11.47 10.68
ZN ZN G . 13.17 25.92 -15.72
#